data_7XBY
#
_entry.id   7XBY
#
_cell.length_a   113.975
_cell.length_b   113.975
_cell.length_c   152.738
_cell.angle_alpha   90.000
_cell.angle_beta   90.000
_cell.angle_gamma   120.000
#
_symmetry.space_group_name_H-M   'P 31 2 1'
#
loop_
_entity.id
_entity.type
_entity.pdbx_description
1 polymer 'Angiotensin-converting enzyme'
2 polymer 'Spike protein S1'
3 non-polymer 'ZINC ION'
4 non-polymer 'BROMIDE ION'
5 non-polymer 2-acetamido-2-deoxy-beta-D-glucopyranose
#
loop_
_entity_poly.entity_id
_entity_poly.type
_entity_poly.pdbx_seq_one_letter_code
_entity_poly.pdbx_strand_id
1 'polypeptide(L)'
;MSGSSWLLLSLVAVTAAQSTTEDLAKTFLEKFNSEAEELSHQSSLASWSYNTNITDENVQKMNEAGARWSAFYEEQCKLA
KTYPLEEIQNLTVKRQLQALQQSGSSVLSADKSKRLNEILNTMSTIYSTGKVCNPSNPQECLLLEPGLDAIMENSKDYNQ
RLWAWEGWRSEVGKQLRPLYEEYVVLKNEMARANNYEDYGDYWRGDYEAEGPSGYDYSRDQLIEDVERTFAEIKPLYEHL
HAYVRAKLMDTYPSHINPTGCLPAHLLGDMWGRFWTNLYSLTVPFGQKPNIDVTDAMVDQSWDAKRIFEEAEKFFVSVGL
PNMTQGFWENSMLTEPGDGRKVVCHPTAWDLGKGDFRIKMCTKVTMDDFLTAHHEMGHIQYDMAYAVQPYLLRNGANEGF
HEAVGEIMSLSAATPNHLKAIGLLPPDFYEDSETEINFLLKQALTIVGTLPFTYMLEKWRWMVFKGEIPKEEWMKKWWEM
KREIVGVVEPVPHDETYCDPAALFHVANDYSFIRYYTRTIYQFQFQEALCQTAKHEGPLHKCDISNSTEAGQKLLQMLSL
GKSEPWTLALERIVGVKNMDVRPLLNYFEPLFTWLKDQNKNSFVGWSTNWSPYADQSIKVRISLKSALGEKSYEWNDNEM
YLFQSSVAYAMRVYFLKAKNQTILFGEEDVWVSDLKPRISFNFFVTSPKNASDIIPRTDVEEAIRMSRSRINDAFRLDDN
TLEFLGIQPTLGPPYQPPVTVWLIAFGVVMGLVVVGIVVLIATGIRGRRKKNQARSEENPYASVDLSKGENNPGFQNGDD
VQTSF
;
A
2 'polypeptide(L)'
;RVQPTESIVRFPNITNLCPFDEVFNATRFASVYAWNRKRISNCVADYSVLYNLAPFFTFKCYGVSPTKLNDLCFTNVYAD
SFVIRGDEVRQIAPGQTGNIADYNYKLPDDFTGCVIAWNSNKLDSKVSGNYNYLYRLFRKSNLKPFERDISTEIYQAGNK
PCNGVAGFNCYFPLRSYSFRPTYGVGHQPYRVVVLSFELLHAPATVCGPKKSTNLVKNKCVNF
;
B
#
# COMPACT_ATOMS: atom_id res chain seq x y z
N SER A 19 30.35 -14.89 -16.07
CA SER A 19 29.90 -13.51 -16.05
C SER A 19 28.41 -13.42 -16.28
N THR A 20 28.01 -13.34 -17.55
CA THR A 20 26.61 -13.21 -17.97
C THR A 20 25.89 -12.19 -17.10
N THR A 21 26.18 -10.90 -17.34
CA THR A 21 25.99 -9.77 -16.43
C THR A 21 24.77 -9.89 -15.51
N GLU A 22 23.67 -10.48 -15.98
CA GLU A 22 22.61 -10.92 -15.09
C GLU A 22 23.18 -11.55 -13.82
N ASP A 23 24.01 -12.58 -13.97
CA ASP A 23 24.64 -13.22 -12.82
C ASP A 23 25.49 -12.24 -12.03
N LEU A 24 26.10 -11.26 -12.71
CA LEU A 24 26.79 -10.19 -12.01
C LEU A 24 25.79 -9.25 -11.33
N ALA A 25 24.64 -9.03 -11.97
CA ALA A 25 23.61 -8.17 -11.39
C ALA A 25 22.85 -8.87 -10.27
N LYS A 26 22.70 -10.19 -10.34
CA LYS A 26 22.11 -10.93 -9.23
C LYS A 26 22.94 -10.76 -7.96
N THR A 27 24.26 -10.83 -8.09
CA THR A 27 25.14 -10.60 -6.94
C THR A 27 24.99 -9.17 -6.44
N PHE A 28 24.88 -8.20 -7.35
CA PHE A 28 24.64 -6.83 -6.93
C PHE A 28 23.30 -6.68 -6.23
N LEU A 29 22.26 -7.33 -6.75
CA LEU A 29 20.95 -7.29 -6.11
C LEU A 29 20.96 -8.06 -4.79
N GLU A 30 21.75 -9.13 -4.69
CA GLU A 30 21.89 -9.85 -3.42
C GLU A 30 22.42 -8.92 -2.34
N LYS A 31 23.41 -8.09 -2.70
CA LYS A 31 23.94 -7.12 -1.74
C LYS A 31 22.95 -5.97 -1.51
N PHE A 32 22.27 -5.54 -2.57
CA PHE A 32 21.36 -4.39 -2.46
C PHE A 32 20.21 -4.69 -1.52
N ASN A 33 19.70 -5.92 -1.55
CA ASN A 33 18.50 -6.26 -0.78
C ASN A 33 18.73 -6.27 0.73
N SER A 34 19.98 -6.20 1.19
CA SER A 34 20.27 -6.11 2.62
C SER A 34 20.44 -4.66 3.07
N GLU A 35 21.24 -3.88 2.35
CA GLU A 35 21.38 -2.47 2.68
C GLU A 35 20.08 -1.71 2.48
N ALA A 36 19.35 -2.01 1.41
CA ALA A 36 18.12 -1.27 1.11
C ALA A 36 17.02 -1.60 2.10
N GLU A 37 16.82 -2.89 2.40
CA GLU A 37 15.66 -3.30 3.18
C GLU A 37 15.67 -2.71 4.59
N GLU A 38 16.85 -2.53 5.18
CA GLU A 38 16.95 -2.01 6.53
C GLU A 38 17.16 -0.50 6.57
N LEU A 39 17.80 0.07 5.53
CA LEU A 39 17.84 1.53 5.41
C LEU A 39 16.43 2.10 5.29
N SER A 40 15.60 1.49 4.45
CA SER A 40 14.21 1.91 4.33
C SER A 40 13.46 1.73 5.63
N HIS A 41 13.88 0.78 6.47
CA HIS A 41 13.23 0.56 7.75
C HIS A 41 13.48 1.71 8.71
N GLN A 42 14.72 2.23 8.73
CA GLN A 42 15.03 3.37 9.59
C GLN A 42 14.22 4.60 9.20
N SER A 43 14.01 4.80 7.90
CA SER A 43 13.18 5.91 7.44
C SER A 43 11.76 5.77 7.94
N SER A 44 11.21 4.55 7.90
CA SER A 44 9.85 4.32 8.39
C SER A 44 9.77 4.54 9.90
N LEU A 45 10.76 4.06 10.65
CA LEU A 45 10.74 4.23 12.10
C LEU A 45 10.81 5.70 12.50
N ALA A 46 11.68 6.46 11.84
CA ALA A 46 11.74 7.90 12.09
C ALA A 46 10.44 8.58 11.65
N SER A 47 9.90 8.17 10.51
CA SER A 47 8.62 8.72 10.06
C SER A 47 7.50 8.34 11.01
N TRP A 48 7.52 7.12 11.53
CA TRP A 48 6.52 6.71 12.52
C TRP A 48 6.66 7.50 13.81
N SER A 49 7.90 7.80 14.21
CA SER A 49 8.11 8.56 15.43
C SER A 49 7.49 9.95 15.35
N TYR A 50 7.64 10.60 14.19
CA TYR A 50 7.03 11.93 14.02
C TYR A 50 5.52 11.82 13.92
N ASN A 51 5.01 10.87 13.13
CA ASN A 51 3.58 10.77 12.91
C ASN A 51 2.84 10.42 14.20
N THR A 52 3.48 9.68 15.10
CA THR A 52 2.89 9.34 16.39
C THR A 52 3.32 10.26 17.51
N ASN A 53 4.32 11.12 17.29
CA ASN A 53 4.72 12.14 18.26
C ASN A 53 5.28 13.32 17.47
N ILE A 54 4.41 14.30 17.20
CA ILE A 54 4.83 15.49 16.47
C ILE A 54 5.71 16.33 17.38
N THR A 55 6.93 16.62 16.93
CA THR A 55 7.93 17.26 17.78
C THR A 55 8.98 17.89 16.87
N ASP A 56 9.46 19.08 17.26
CA ASP A 56 10.55 19.72 16.52
C ASP A 56 11.73 18.79 16.34
N GLU A 57 12.08 18.05 17.39
CA GLU A 57 13.18 17.09 17.30
C GLU A 57 12.84 15.94 16.36
N ASN A 58 11.64 15.39 16.47
CA ASN A 58 11.27 14.25 15.63
C ASN A 58 11.22 14.61 14.15
N VAL A 59 10.95 15.89 13.84
CA VAL A 59 11.02 16.32 12.43
C VAL A 59 12.44 16.18 11.91
N GLN A 60 13.43 16.48 12.73
CA GLN A 60 14.82 16.40 12.30
C GLN A 60 15.24 14.96 12.04
N LYS A 61 14.88 14.04 12.94
CA LYS A 61 15.24 12.64 12.73
C LYS A 61 14.57 12.08 11.48
N MET A 62 13.30 12.40 11.26
CA MET A 62 12.61 11.93 10.06
C MET A 62 13.23 12.52 8.81
N ASN A 63 13.56 13.82 8.84
CA ASN A 63 14.18 14.44 7.67
C ASN A 63 15.55 13.86 7.39
N GLU A 64 16.36 13.65 8.44
CA GLU A 64 17.72 13.15 8.23
C GLU A 64 17.72 11.68 7.85
N ALA A 65 16.86 10.87 8.46
CA ALA A 65 16.78 9.46 8.09
C ALA A 65 16.31 9.31 6.64
N GLY A 66 15.31 10.10 6.24
CA GLY A 66 14.90 10.10 4.85
C GLY A 66 15.97 10.64 3.92
N ALA A 67 16.74 11.63 4.39
CA ALA A 67 17.85 12.14 3.60
C ALA A 67 18.89 11.05 3.36
N ARG A 68 19.17 10.25 4.39
CA ARG A 68 20.06 9.10 4.22
C ARG A 68 19.49 8.11 3.21
N TRP A 69 18.19 7.80 3.36
CA TRP A 69 17.57 6.79 2.51
C TRP A 69 17.50 7.25 1.06
N SER A 70 17.15 8.51 0.82
CA SER A 70 17.15 9.03 -0.54
C SER A 70 18.55 9.13 -1.10
N ALA A 71 19.54 9.44 -0.24
CA ALA A 71 20.93 9.47 -0.69
C ALA A 71 21.37 8.10 -1.20
N PHE A 72 21.34 7.10 -0.33
CA PHE A 72 21.70 5.73 -0.71
C PHE A 72 21.02 5.34 -2.01
N TYR A 73 19.69 5.48 -2.06
CA TYR A 73 18.94 4.96 -3.20
C TYR A 73 19.45 5.53 -4.51
N GLU A 74 19.75 6.83 -4.56
CA GLU A 74 20.23 7.41 -5.80
C GLU A 74 21.67 7.02 -6.12
N GLU A 75 22.45 6.63 -5.11
CA GLU A 75 23.74 6.01 -5.41
C GLU A 75 23.56 4.66 -6.08
N GLN A 76 22.69 3.83 -5.52
CA GLN A 76 22.50 2.48 -6.02
C GLN A 76 21.92 2.47 -7.43
N CYS A 77 21.15 3.49 -7.78
CA CYS A 77 20.63 3.59 -9.15
C CYS A 77 21.77 3.66 -10.15
N LYS A 78 22.78 4.47 -9.85
CA LYS A 78 23.96 4.53 -10.71
C LYS A 78 24.64 3.18 -10.82
N LEU A 79 24.83 2.50 -9.68
CA LEU A 79 25.40 1.16 -9.69
C LEU A 79 24.56 0.21 -10.54
N ALA A 80 23.25 0.24 -10.36
CA ALA A 80 22.36 -0.63 -11.13
C ALA A 80 22.29 -0.24 -12.60
N LYS A 81 22.62 1.01 -12.93
CA LYS A 81 22.59 1.45 -14.33
C LYS A 81 23.81 0.99 -15.12
N THR A 82 24.78 0.33 -14.47
CA THR A 82 25.92 -0.26 -15.15
C THR A 82 25.69 -1.73 -15.47
N TYR A 83 24.43 -2.10 -15.72
CA TYR A 83 24.07 -3.47 -16.07
C TYR A 83 23.07 -3.38 -17.22
N PRO A 84 23.52 -3.59 -18.47
CA PRO A 84 22.61 -3.45 -19.61
C PRO A 84 21.33 -4.24 -19.44
N LEU A 85 20.21 -3.52 -19.36
CA LEU A 85 18.93 -4.21 -19.25
C LEU A 85 18.62 -5.07 -20.45
N GLU A 86 19.26 -4.86 -21.59
CA GLU A 86 18.99 -5.74 -22.72
C GLU A 86 19.80 -7.03 -22.71
N GLU A 87 20.32 -7.44 -21.53
CA GLU A 87 21.20 -8.59 -21.43
C GLU A 87 20.76 -9.59 -20.34
N ILE A 88 19.59 -9.38 -19.75
CA ILE A 88 19.16 -10.12 -18.57
C ILE A 88 17.95 -10.98 -18.96
N GLN A 89 18.00 -12.26 -18.64
CA GLN A 89 16.89 -13.14 -19.00
C GLN A 89 15.85 -13.27 -17.90
N ASN A 90 16.28 -13.29 -16.65
CA ASN A 90 15.35 -13.29 -15.52
C ASN A 90 14.49 -12.04 -15.57
N LEU A 91 13.16 -12.22 -15.70
CA LEU A 91 12.29 -11.06 -15.65
C LEU A 91 12.29 -10.45 -14.26
N THR A 92 12.42 -11.27 -13.22
CA THR A 92 12.48 -10.75 -11.84
C THR A 92 13.71 -9.87 -11.65
N VAL A 93 14.88 -10.33 -12.08
CA VAL A 93 16.08 -9.51 -12.03
C VAL A 93 15.92 -8.26 -12.89
N LYS A 94 15.37 -8.43 -14.09
CA LYS A 94 15.08 -7.30 -14.96
C LYS A 94 14.13 -6.31 -14.31
N ARG A 95 13.06 -6.82 -13.71
CA ARG A 95 12.06 -5.94 -13.11
C ARG A 95 12.62 -5.22 -11.90
N GLN A 96 13.60 -5.83 -11.21
CA GLN A 96 14.25 -5.17 -10.08
C GLN A 96 15.19 -4.06 -10.55
N LEU A 97 16.05 -4.37 -11.53
CA LEU A 97 16.93 -3.36 -12.09
C LEU A 97 16.12 -2.24 -12.73
N GLN A 98 15.05 -2.60 -13.45
CA GLN A 98 14.14 -1.62 -14.03
C GLN A 98 13.65 -0.63 -12.98
N ALA A 99 13.32 -1.11 -11.79
CA ALA A 99 12.74 -0.24 -10.76
C ALA A 99 13.75 0.76 -10.21
N LEU A 100 15.04 0.42 -10.23
CA LEU A 100 16.05 1.30 -9.64
C LEU A 100 16.32 2.54 -10.49
N GLN A 101 15.85 2.56 -11.74
CA GLN A 101 16.01 3.68 -12.65
C GLN A 101 14.81 4.64 -12.53
N GLN A 102 14.62 5.50 -13.54
CA GLN A 102 13.44 6.36 -13.68
C GLN A 102 13.35 7.38 -12.54
N SER A 103 14.31 8.31 -12.56
CA SER A 103 14.43 9.33 -11.50
C SER A 103 13.48 10.51 -11.68
N GLY A 104 13.65 11.29 -12.75
CA GLY A 104 12.84 12.48 -12.93
C GLY A 104 13.58 13.76 -13.28
N SER A 105 13.39 14.81 -12.46
CA SER A 105 13.90 16.15 -12.76
C SER A 105 15.42 16.28 -12.61
N SER A 106 16.14 15.18 -12.34
CA SER A 106 17.59 15.26 -12.25
C SER A 106 18.21 15.61 -13.60
N VAL A 107 17.60 15.15 -14.70
CA VAL A 107 18.11 15.48 -16.03
C VAL A 107 17.94 16.96 -16.35
N LEU A 108 17.01 17.64 -15.69
CA LEU A 108 16.81 19.06 -15.93
C LEU A 108 18.04 19.86 -15.53
N SER A 109 18.31 20.93 -16.28
CA SER A 109 19.46 21.78 -15.99
C SER A 109 19.30 22.45 -14.63
N ALA A 110 20.44 22.80 -14.03
CA ALA A 110 20.44 23.33 -12.67
C ALA A 110 19.60 24.59 -12.56
N ASP A 111 19.70 25.47 -13.56
CA ASP A 111 18.92 26.71 -13.54
C ASP A 111 17.43 26.44 -13.78
N LYS A 112 17.10 25.44 -14.60
CA LYS A 112 15.71 25.08 -14.79
C LYS A 112 15.19 24.20 -13.66
N SER A 113 16.06 23.40 -13.04
CA SER A 113 15.64 22.53 -11.95
C SER A 113 15.07 23.33 -10.78
N LYS A 114 15.75 24.41 -10.39
CA LYS A 114 15.27 25.19 -9.24
C LYS A 114 14.12 26.12 -9.61
N ARG A 115 13.96 26.44 -10.89
CA ARG A 115 12.77 27.15 -11.34
C ARG A 115 11.52 26.30 -11.13
N LEU A 116 11.62 25.01 -11.45
CA LEU A 116 10.46 24.12 -11.33
C LEU A 116 10.03 23.96 -9.88
N ASN A 117 10.97 23.61 -8.99
CA ASN A 117 10.63 23.41 -7.59
C ASN A 117 10.29 24.72 -6.90
N GLU A 118 10.78 25.84 -7.42
CA GLU A 118 10.26 27.14 -6.99
C GLU A 118 8.77 27.23 -7.25
N ILE A 119 8.36 26.97 -8.49
CA ILE A 119 6.96 27.10 -8.88
C ILE A 119 6.09 26.14 -8.08
N LEU A 120 6.54 24.89 -7.94
CA LEU A 120 5.76 23.88 -7.23
C LEU A 120 5.47 24.30 -5.79
N ASN A 121 6.48 24.82 -5.09
CA ASN A 121 6.28 25.25 -3.72
C ASN A 121 5.42 26.52 -3.66
N THR A 122 5.50 27.36 -4.69
CA THR A 122 4.62 28.53 -4.74
C THR A 122 3.17 28.12 -4.94
N MET A 123 2.92 27.21 -5.87
CA MET A 123 1.55 26.73 -6.10
C MET A 123 0.99 26.05 -4.85
N SER A 124 1.80 25.22 -4.20
CA SER A 124 1.34 24.50 -3.02
C SER A 124 0.98 25.47 -1.90
N THR A 125 1.73 26.56 -1.75
CA THR A 125 1.53 27.46 -0.64
C THR A 125 0.33 28.39 -0.85
N ILE A 126 0.25 29.03 -2.03
CA ILE A 126 -0.86 29.96 -2.26
C ILE A 126 -2.19 29.22 -2.31
N TYR A 127 -2.19 27.92 -2.62
CA TYR A 127 -3.41 27.13 -2.50
C TYR A 127 -3.77 26.92 -1.04
N SER A 128 -2.82 26.43 -0.24
CA SER A 128 -3.09 26.09 1.15
C SER A 128 -3.33 27.33 2.02
N THR A 129 -2.90 28.50 1.57
CA THR A 129 -3.05 29.73 2.34
C THR A 129 -4.05 30.71 1.75
N GLY A 130 -4.58 30.46 0.56
CA GLY A 130 -5.46 31.39 -0.11
C GLY A 130 -6.74 31.71 0.64
N LYS A 131 -7.05 32.99 0.77
CA LYS A 131 -8.27 33.46 1.43
C LYS A 131 -9.26 34.00 0.41
N VAL A 132 -10.54 33.84 0.71
CA VAL A 132 -11.63 34.41 -0.08
C VAL A 132 -12.55 35.18 0.85
N CYS A 133 -12.88 36.41 0.48
CA CYS A 133 -13.65 37.31 1.33
C CYS A 133 -15.05 37.47 0.78
N ASN A 134 -16.05 37.34 1.66
CA ASN A 134 -17.44 37.56 1.27
C ASN A 134 -17.64 39.03 0.90
N PRO A 135 -18.17 39.33 -0.29
CA PRO A 135 -18.41 40.74 -0.64
C PRO A 135 -19.34 41.47 0.32
N SER A 136 -20.30 40.78 0.93
CA SER A 136 -21.21 41.43 1.86
C SER A 136 -20.54 41.74 3.19
N ASN A 137 -19.43 41.08 3.51
CA ASN A 137 -18.75 41.25 4.80
C ASN A 137 -17.25 41.16 4.56
N PRO A 138 -16.56 42.28 4.40
CA PRO A 138 -15.09 42.24 4.23
C PRO A 138 -14.35 41.67 5.44
N GLN A 139 -14.96 41.70 6.64
CA GLN A 139 -14.32 41.05 7.79
C GLN A 139 -14.35 39.54 7.68
N GLU A 140 -15.20 39.00 6.81
CA GLU A 140 -15.39 37.55 6.66
C GLU A 140 -14.54 37.06 5.50
N CYS A 141 -13.30 36.68 5.80
CA CYS A 141 -12.39 36.09 4.82
C CYS A 141 -12.02 34.70 5.28
N LEU A 142 -12.31 33.69 4.45
CA LEU A 142 -12.23 32.30 4.85
C LEU A 142 -11.22 31.55 4.00
N LEU A 143 -10.49 30.64 4.64
CA LEU A 143 -9.66 29.67 3.93
C LEU A 143 -10.55 28.61 3.29
N LEU A 144 -9.91 27.76 2.46
CA LEU A 144 -10.62 26.59 1.95
C LEU A 144 -11.04 25.68 3.09
N GLU A 145 -10.06 25.19 3.86
CA GLU A 145 -10.32 24.47 5.09
C GLU A 145 -10.14 25.41 6.27
N PRO A 146 -11.14 25.54 7.16
CA PRO A 146 -12.45 24.88 7.14
C PRO A 146 -13.58 25.73 6.57
N GLY A 147 -13.30 26.98 6.20
CA GLY A 147 -14.35 27.92 5.85
C GLY A 147 -15.09 27.62 4.56
N LEU A 148 -14.40 27.71 3.43
CA LEU A 148 -15.06 27.53 2.14
C LEU A 148 -15.58 26.11 1.96
N ASP A 149 -14.90 25.12 2.53
CA ASP A 149 -15.38 23.74 2.46
C ASP A 149 -16.73 23.61 3.16
N ALA A 150 -16.89 24.27 4.31
CA ALA A 150 -18.16 24.19 5.03
C ALA A 150 -19.30 24.76 4.20
N ILE A 151 -19.04 25.84 3.46
CA ILE A 151 -20.08 26.44 2.63
C ILE A 151 -20.48 25.49 1.50
N MET A 152 -19.48 24.92 0.81
CA MET A 152 -19.79 24.09 -0.35
C MET A 152 -20.38 22.74 0.01
N GLU A 153 -20.14 22.26 1.23
CA GLU A 153 -20.63 20.95 1.62
C GLU A 153 -22.02 20.99 2.24
N ASN A 154 -22.47 22.16 2.70
CA ASN A 154 -23.70 22.19 3.48
C ASN A 154 -24.69 23.26 3.03
N SER A 155 -24.20 24.35 2.45
CA SER A 155 -25.08 25.48 2.13
C SER A 155 -26.05 25.11 1.01
N LYS A 156 -27.29 25.58 1.15
CA LYS A 156 -28.32 25.42 0.14
C LYS A 156 -28.71 26.74 -0.51
N ASP A 157 -28.03 27.83 -0.17
CA ASP A 157 -28.29 29.14 -0.75
C ASP A 157 -27.49 29.29 -2.04
N TYR A 158 -28.19 29.65 -3.13
CA TYR A 158 -27.54 29.75 -4.43
C TYR A 158 -26.44 30.80 -4.43
N ASN A 159 -26.72 31.98 -3.86
CA ASN A 159 -25.77 33.08 -3.93
C ASN A 159 -24.59 32.87 -2.99
N GLN A 160 -24.84 32.32 -1.79
CA GLN A 160 -23.75 32.05 -0.88
C GLN A 160 -22.77 31.05 -1.49
N ARG A 161 -23.30 30.02 -2.16
CA ARG A 161 -22.43 29.08 -2.86
C ARG A 161 -21.70 29.75 -4.02
N LEU A 162 -22.31 30.77 -4.63
CA LEU A 162 -21.72 31.37 -5.83
C LEU A 162 -20.47 32.17 -5.51
N TRP A 163 -20.51 33.01 -4.47
CA TRP A 163 -19.36 33.86 -4.17
C TRP A 163 -18.18 33.04 -3.67
N ALA A 164 -18.44 31.97 -2.91
CA ALA A 164 -17.36 31.07 -2.52
C ALA A 164 -16.76 30.36 -3.73
N TRP A 165 -17.62 29.89 -4.65
CA TRP A 165 -17.13 29.19 -5.83
C TRP A 165 -16.36 30.13 -6.74
N GLU A 166 -16.94 31.29 -7.08
CA GLU A 166 -16.25 32.23 -7.95
C GLU A 166 -15.04 32.84 -7.24
N GLY A 167 -15.18 33.16 -5.96
CA GLY A 167 -14.07 33.77 -5.23
C GLY A 167 -12.86 32.86 -5.14
N TRP A 168 -13.08 31.57 -4.89
CA TRP A 168 -11.96 30.63 -4.83
C TRP A 168 -11.27 30.53 -6.18
N ARG A 169 -12.04 30.45 -7.27
CA ARG A 169 -11.46 30.35 -8.60
C ARG A 169 -10.94 31.69 -9.10
N SER A 170 -11.35 32.81 -8.50
CA SER A 170 -10.83 34.11 -8.88
C SER A 170 -9.59 34.50 -8.11
N GLU A 171 -9.56 34.23 -6.81
CA GLU A 171 -8.41 34.64 -5.99
C GLU A 171 -7.23 33.69 -6.18
N VAL A 172 -7.41 32.41 -5.84
CA VAL A 172 -6.28 31.49 -5.95
C VAL A 172 -6.16 30.96 -7.37
N GLY A 173 -7.26 30.93 -8.13
CA GLY A 173 -7.20 30.42 -9.49
C GLY A 173 -6.38 31.30 -10.41
N LYS A 174 -6.59 32.62 -10.33
CA LYS A 174 -5.88 33.54 -11.23
C LYS A 174 -4.40 33.63 -10.89
N GLN A 175 -4.04 33.51 -9.61
CA GLN A 175 -2.63 33.51 -9.24
C GLN A 175 -1.90 32.30 -9.80
N LEU A 176 -2.58 31.16 -9.90
CA LEU A 176 -1.96 29.94 -10.39
C LEU A 176 -1.85 29.89 -11.92
N ARG A 177 -2.57 30.77 -12.62
CA ARG A 177 -2.60 30.69 -14.09
C ARG A 177 -1.23 30.89 -14.73
N PRO A 178 -0.45 31.94 -14.42
CA PRO A 178 0.85 32.09 -15.10
C PRO A 178 1.88 31.11 -14.58
N LEU A 179 1.74 30.69 -13.32
CA LEU A 179 2.61 29.65 -12.78
C LEU A 179 2.39 28.33 -13.51
N TYR A 180 1.13 28.01 -13.82
CA TYR A 180 0.84 26.74 -14.48
C TYR A 180 1.33 26.73 -15.92
N GLU A 181 1.26 27.87 -16.62
CA GLU A 181 1.77 27.93 -17.98
C GLU A 181 3.28 27.66 -18.00
N GLU A 182 4.00 28.18 -17.00
CA GLU A 182 5.42 27.86 -16.85
C GLU A 182 5.59 26.43 -16.33
N TYR A 183 4.67 25.98 -15.47
CA TYR A 183 4.73 24.62 -14.94
C TYR A 183 4.60 23.60 -16.07
N VAL A 184 3.68 23.84 -17.01
CA VAL A 184 3.49 22.91 -18.11
C VAL A 184 4.74 22.85 -18.99
N VAL A 185 5.32 24.01 -19.30
CA VAL A 185 6.50 24.05 -20.17
C VAL A 185 7.68 23.34 -19.50
N LEU A 186 7.90 23.61 -18.21
CA LEU A 186 9.04 23.02 -17.52
C LEU A 186 8.84 21.51 -17.34
N LYS A 187 7.65 21.09 -16.93
CA LYS A 187 7.38 19.67 -16.75
C LYS A 187 7.48 18.92 -18.07
N ASN A 188 7.12 19.56 -19.18
CA ASN A 188 7.26 18.92 -20.48
C ASN A 188 8.71 18.69 -20.85
N GLU A 189 9.57 19.68 -20.60
CA GLU A 189 10.97 19.56 -21.00
C GLU A 189 11.67 18.44 -20.22
N MET A 190 11.35 18.29 -18.94
CA MET A 190 11.91 17.18 -18.18
C MET A 190 11.42 15.85 -18.70
N ALA A 191 10.15 15.78 -19.12
CA ALA A 191 9.61 14.54 -19.65
C ALA A 191 10.22 14.22 -21.02
N ARG A 192 10.42 15.25 -21.86
CA ARG A 192 11.04 15.04 -23.15
C ARG A 192 12.49 14.58 -23.01
N ALA A 193 13.16 15.00 -21.95
CA ALA A 193 14.51 14.54 -21.65
C ALA A 193 14.53 13.19 -20.95
N ASN A 194 13.39 12.49 -20.93
CA ASN A 194 13.31 11.13 -20.39
C ASN A 194 12.72 10.16 -21.39
N ASN A 195 12.77 10.51 -22.69
CA ASN A 195 12.24 9.75 -23.82
C ASN A 195 10.72 9.78 -23.89
N TYR A 196 10.05 10.41 -22.93
CA TYR A 196 8.59 10.49 -22.94
C TYR A 196 8.12 11.60 -23.87
N GLU A 197 6.94 11.40 -24.46
CA GLU A 197 6.39 12.39 -25.38
C GLU A 197 6.11 13.71 -24.67
N ASP A 198 5.38 13.66 -23.57
CA ASP A 198 5.04 14.86 -22.79
C ASP A 198 4.97 14.46 -21.32
N TYR A 199 4.54 15.40 -20.48
CA TYR A 199 4.38 15.08 -19.06
C TYR A 199 3.19 14.18 -18.82
N GLY A 200 2.13 14.31 -19.63
CA GLY A 200 1.03 13.36 -19.55
C GLY A 200 1.46 11.96 -19.95
N ASP A 201 2.29 11.85 -20.98
CA ASP A 201 2.86 10.55 -21.35
C ASP A 201 3.74 10.02 -20.22
N TYR A 202 4.45 10.91 -19.53
CA TYR A 202 5.25 10.51 -18.39
C TYR A 202 4.37 9.94 -17.28
N TRP A 203 3.22 10.57 -17.03
CA TRP A 203 2.32 10.10 -15.97
C TRP A 203 1.69 8.76 -16.32
N ARG A 204 1.43 8.51 -17.60
CA ARG A 204 0.88 7.23 -18.02
C ARG A 204 1.89 6.09 -17.91
N GLY A 205 3.16 6.39 -17.62
CA GLY A 205 4.15 5.36 -17.41
C GLY A 205 3.89 4.50 -16.19
N ASP A 206 3.04 4.95 -15.28
CA ASP A 206 2.65 4.15 -14.12
C ASP A 206 1.73 2.99 -14.50
N TYR A 207 1.30 2.91 -15.76
CA TYR A 207 0.50 1.80 -16.25
C TYR A 207 1.20 1.02 -17.36
N GLU A 208 2.38 1.46 -17.80
CA GLU A 208 3.10 0.73 -18.83
C GLU A 208 3.60 -0.60 -18.29
N ALA A 209 3.39 -1.66 -19.08
CA ALA A 209 3.89 -2.99 -18.75
C ALA A 209 4.49 -3.59 -20.00
N GLU A 210 5.70 -4.12 -19.89
CA GLU A 210 6.37 -4.80 -20.99
C GLU A 210 6.53 -6.29 -20.69
N GLY A 211 5.55 -6.87 -20.01
CA GLY A 211 5.64 -8.22 -19.54
C GLY A 211 5.47 -9.24 -20.66
N PRO A 212 5.42 -10.52 -20.26
CA PRO A 212 5.48 -11.60 -21.27
C PRO A 212 4.22 -11.66 -22.13
N SER A 213 4.40 -12.18 -23.34
CA SER A 213 3.33 -12.53 -24.29
C SER A 213 2.38 -11.33 -24.42
N GLY A 214 1.06 -11.54 -24.32
CA GLY A 214 0.10 -10.46 -24.51
C GLY A 214 -0.30 -9.77 -23.21
N TYR A 215 0.60 -9.81 -22.23
CA TYR A 215 0.42 -9.07 -20.99
C TYR A 215 0.99 -7.66 -21.05
N ASP A 216 1.58 -7.27 -22.18
CA ASP A 216 2.15 -5.94 -22.32
C ASP A 216 1.04 -4.89 -22.42
N TYR A 217 1.36 -3.68 -21.96
CA TYR A 217 0.40 -2.58 -21.93
C TYR A 217 1.13 -1.29 -22.26
N SER A 218 0.78 -0.68 -23.40
CA SER A 218 1.41 0.57 -23.80
C SER A 218 0.81 1.73 -23.03
N ARG A 219 1.55 2.85 -23.03
CA ARG A 219 1.05 4.06 -22.37
C ARG A 219 -0.12 4.67 -23.13
N ASP A 220 -0.11 4.58 -24.46
CA ASP A 220 -1.21 5.10 -25.26
C ASP A 220 -2.49 4.30 -25.07
N GLN A 221 -2.38 3.03 -24.65
CA GLN A 221 -3.57 2.20 -24.44
C GLN A 221 -4.45 2.75 -23.33
N LEU A 222 -3.85 3.44 -22.34
CA LEU A 222 -4.62 3.91 -21.19
C LEU A 222 -5.69 4.90 -21.61
N ILE A 223 -5.39 5.77 -22.57
CA ILE A 223 -6.39 6.73 -23.06
C ILE A 223 -7.56 5.99 -23.71
N GLU A 224 -7.25 5.00 -24.55
CA GLU A 224 -8.31 4.27 -25.23
C GLU A 224 -9.16 3.45 -24.27
N ASP A 225 -8.51 2.75 -23.34
CA ASP A 225 -9.25 1.90 -22.42
C ASP A 225 -10.07 2.72 -21.43
N VAL A 226 -9.58 3.89 -21.03
CA VAL A 226 -10.37 4.77 -20.18
C VAL A 226 -11.56 5.33 -20.96
N GLU A 227 -11.33 5.78 -22.20
CA GLU A 227 -12.43 6.28 -23.02
C GLU A 227 -13.44 5.19 -23.35
N ARG A 228 -12.95 3.98 -23.65
CA ARG A 228 -13.85 2.87 -23.93
C ARG A 228 -14.72 2.54 -22.73
N THR A 229 -14.11 2.48 -21.53
CA THR A 229 -14.86 2.17 -20.33
C THR A 229 -15.86 3.28 -20.00
N PHE A 230 -15.47 4.54 -20.18
CA PHE A 230 -16.35 5.64 -19.83
C PHE A 230 -17.60 5.69 -20.71
N ALA A 231 -17.47 5.31 -21.99
CA ALA A 231 -18.63 5.27 -22.86
C ALA A 231 -19.67 4.28 -22.34
N GLU A 232 -19.23 3.18 -21.73
CA GLU A 232 -20.14 2.23 -21.12
C GLU A 232 -20.69 2.73 -19.79
N ILE A 233 -20.03 3.69 -19.15
CA ILE A 233 -20.53 4.27 -17.91
C ILE A 233 -21.47 5.45 -18.17
N LYS A 234 -21.36 6.10 -19.33
CA LYS A 234 -22.17 7.27 -19.65
C LYS A 234 -23.67 7.07 -19.47
N PRO A 235 -24.29 5.97 -19.96
CA PRO A 235 -25.74 5.83 -19.74
C PRO A 235 -26.15 5.81 -18.28
N LEU A 236 -25.35 5.17 -17.41
CA LEU A 236 -25.69 5.16 -15.99
C LEU A 236 -25.52 6.54 -15.38
N TYR A 237 -24.47 7.26 -15.76
CA TYR A 237 -24.25 8.60 -15.22
C TYR A 237 -25.34 9.56 -15.65
N GLU A 238 -25.81 9.45 -16.89
CA GLU A 238 -26.83 10.36 -17.38
C GLU A 238 -28.12 10.23 -16.59
N HIS A 239 -28.53 9.00 -16.26
CA HIS A 239 -29.74 8.81 -15.47
C HIS A 239 -29.56 9.30 -14.04
N LEU A 240 -28.37 9.09 -13.47
CA LEU A 240 -28.06 9.70 -12.18
C LEU A 240 -28.04 11.22 -12.29
N HIS A 241 -27.48 11.74 -13.39
CA HIS A 241 -27.45 13.18 -13.60
C HIS A 241 -28.85 13.76 -13.73
N ALA A 242 -29.74 13.06 -14.44
CA ALA A 242 -31.09 13.57 -14.63
C ALA A 242 -31.90 13.53 -13.33
N TYR A 243 -31.77 12.44 -12.56
CA TYR A 243 -32.52 12.33 -11.31
C TYR A 243 -32.04 13.36 -10.30
N VAL A 244 -30.73 13.59 -10.21
CA VAL A 244 -30.21 14.65 -9.35
C VAL A 244 -30.70 16.01 -9.82
N ARG A 245 -30.69 16.23 -11.15
CA ARG A 245 -31.16 17.51 -11.69
C ARG A 245 -32.63 17.74 -11.36
N ALA A 246 -33.46 16.70 -11.50
CA ALA A 246 -34.88 16.86 -11.20
C ALA A 246 -35.13 17.16 -9.73
N LYS A 247 -34.32 16.59 -8.84
CA LYS A 247 -34.46 16.88 -7.42
C LYS A 247 -33.93 18.26 -7.06
N LEU A 248 -32.87 18.71 -7.74
CA LEU A 248 -32.33 20.05 -7.48
C LEU A 248 -33.26 21.16 -7.97
N MET A 249 -34.22 20.84 -8.84
CA MET A 249 -35.20 21.84 -9.26
C MET A 249 -36.04 22.28 -8.07
N ASP A 250 -36.36 21.37 -7.15
CA ASP A 250 -37.14 21.70 -5.98
C ASP A 250 -36.39 22.56 -4.97
N THR A 251 -35.09 22.79 -5.18
CA THR A 251 -34.28 23.64 -4.32
C THR A 251 -33.83 24.93 -4.99
N TYR A 252 -33.41 24.87 -6.26
CA TYR A 252 -33.01 26.06 -7.02
C TYR A 252 -33.89 26.15 -8.27
N PRO A 253 -35.19 26.40 -8.11
CA PRO A 253 -36.07 26.46 -9.29
C PRO A 253 -35.69 27.54 -10.27
N SER A 254 -35.20 28.68 -9.78
CA SER A 254 -34.88 29.81 -10.65
C SER A 254 -33.59 29.63 -11.44
N HIS A 255 -32.79 28.60 -11.14
CA HIS A 255 -31.48 28.46 -11.76
C HIS A 255 -31.22 27.11 -12.42
N ILE A 256 -32.15 26.16 -12.35
CA ILE A 256 -31.92 24.81 -12.86
C ILE A 256 -32.71 24.63 -14.16
N ASN A 257 -31.99 24.31 -15.23
CA ASN A 257 -32.62 24.00 -16.51
C ASN A 257 -32.89 22.50 -16.58
N PRO A 258 -34.14 22.07 -16.76
CA PRO A 258 -34.43 20.63 -16.75
C PRO A 258 -33.74 19.85 -17.85
N THR A 259 -33.31 20.50 -18.93
CA THR A 259 -32.62 19.83 -20.03
C THR A 259 -31.18 20.29 -20.19
N GLY A 260 -30.67 21.09 -19.26
CA GLY A 260 -29.33 21.63 -19.34
C GLY A 260 -28.40 21.06 -18.28
N CYS A 261 -27.14 21.50 -18.37
CA CYS A 261 -26.11 21.07 -17.44
C CYS A 261 -26.36 21.64 -16.05
N LEU A 262 -25.95 20.88 -15.04
CA LEU A 262 -26.03 21.37 -13.67
C LEU A 262 -24.98 22.47 -13.45
N PRO A 263 -25.35 23.58 -12.83
CA PRO A 263 -24.33 24.58 -12.47
C PRO A 263 -23.27 23.97 -11.54
N ALA A 264 -22.03 24.39 -11.75
CA ALA A 264 -20.91 23.74 -11.08
C ALA A 264 -20.95 23.92 -9.56
N HIS A 265 -21.42 25.07 -9.10
CA HIS A 265 -21.33 25.45 -7.69
C HIS A 265 -22.45 24.88 -6.83
N LEU A 266 -23.18 23.85 -7.30
CA LEU A 266 -24.31 23.31 -6.55
C LEU A 266 -24.20 21.79 -6.37
N LEU A 267 -23.00 21.23 -6.43
CA LEU A 267 -22.83 19.78 -6.53
C LEU A 267 -22.32 19.13 -5.25
N GLY A 268 -22.10 19.88 -4.18
CA GLY A 268 -21.78 19.30 -2.90
C GLY A 268 -20.37 19.53 -2.39
N ASP A 269 -19.48 20.08 -3.21
CA ASP A 269 -18.16 20.49 -2.76
C ASP A 269 -17.67 21.63 -3.65
N MET A 270 -16.42 22.05 -3.46
CA MET A 270 -15.90 23.20 -4.18
C MET A 270 -15.81 22.96 -5.68
N TRP A 271 -15.62 21.71 -6.11
CA TRP A 271 -15.38 21.42 -7.52
C TRP A 271 -16.39 20.50 -8.17
N GLY A 272 -17.31 19.91 -7.41
CA GLY A 272 -18.15 18.87 -7.98
C GLY A 272 -17.45 17.54 -8.11
N ARG A 273 -16.31 17.35 -7.42
CA ARG A 273 -15.58 16.10 -7.51
C ARG A 273 -16.40 14.93 -7.01
N PHE A 274 -17.10 15.12 -5.89
CA PHE A 274 -18.00 14.11 -5.36
C PHE A 274 -19.37 14.72 -5.15
N TRP A 275 -20.41 13.97 -5.53
CA TRP A 275 -21.80 14.36 -5.28
C TRP A 275 -22.32 13.80 -3.97
N THR A 276 -21.44 13.46 -3.03
CA THR A 276 -21.85 12.78 -1.81
C THR A 276 -22.78 13.64 -0.96
N ASN A 277 -22.55 14.95 -0.96
CA ASN A 277 -23.28 15.85 -0.08
C ASN A 277 -24.63 16.29 -0.66
N LEU A 278 -25.03 15.73 -1.81
CA LEU A 278 -26.36 15.95 -2.36
C LEU A 278 -27.36 14.91 -1.89
N TYR A 279 -26.95 14.02 -0.97
CA TYR A 279 -27.82 12.92 -0.56
C TYR A 279 -29.09 13.43 0.10
N SER A 280 -28.98 14.45 0.94
CA SER A 280 -30.15 14.99 1.64
C SER A 280 -31.18 15.53 0.65
N LEU A 281 -30.72 16.21 -0.39
CA LEU A 281 -31.63 16.77 -1.38
C LEU A 281 -32.11 15.75 -2.40
N THR A 282 -31.42 14.61 -2.54
CA THR A 282 -31.70 13.65 -3.59
C THR A 282 -32.03 12.26 -3.08
N VAL A 283 -32.25 12.09 -1.77
CA VAL A 283 -32.47 10.74 -1.23
C VAL A 283 -33.74 10.16 -1.83
N PRO A 284 -33.72 8.92 -2.34
CA PRO A 284 -34.94 8.31 -2.90
C PRO A 284 -36.07 8.24 -1.90
N PHE A 285 -35.83 7.61 -0.76
CA PHE A 285 -36.82 7.44 0.30
C PHE A 285 -36.28 8.05 1.58
N GLY A 286 -36.59 9.33 1.79
CA GLY A 286 -36.13 10.02 2.99
C GLY A 286 -36.78 9.55 4.27
N GLN A 287 -37.85 8.76 4.18
CA GLN A 287 -38.49 8.20 5.35
C GLN A 287 -37.75 7.00 5.91
N LYS A 288 -36.76 6.46 5.19
CA LYS A 288 -36.00 5.32 5.64
C LYS A 288 -34.59 5.74 6.01
N PRO A 289 -34.17 5.57 7.26
CA PRO A 289 -32.81 5.96 7.65
C PRO A 289 -31.78 4.96 7.15
N ASN A 290 -30.56 5.46 6.97
CA ASN A 290 -29.45 4.61 6.55
C ASN A 290 -29.04 3.68 7.69
N ILE A 291 -28.57 2.48 7.32
CA ILE A 291 -28.15 1.50 8.30
C ILE A 291 -26.95 2.06 9.07
N ASP A 292 -27.09 2.15 10.39
CA ASP A 292 -26.03 2.68 11.25
C ASP A 292 -25.98 1.81 12.50
N VAL A 293 -24.93 1.01 12.63
CA VAL A 293 -24.76 0.12 13.76
C VAL A 293 -23.93 0.77 14.87
N THR A 294 -23.76 2.10 14.81
CA THR A 294 -22.99 2.81 15.83
C THR A 294 -23.63 2.66 17.21
N ASP A 295 -24.96 2.82 17.29
CA ASP A 295 -25.66 2.65 18.55
C ASP A 295 -25.51 1.23 19.07
N ALA A 296 -25.55 0.24 18.19
CA ALA A 296 -25.32 -1.12 18.62
C ALA A 296 -23.91 -1.29 19.20
N MET A 297 -22.91 -0.69 18.55
CA MET A 297 -21.54 -0.88 19.02
C MET A 297 -21.33 -0.28 20.41
N VAL A 298 -21.94 0.87 20.69
CA VAL A 298 -21.90 1.40 22.05
C VAL A 298 -22.78 0.57 22.97
N ASP A 299 -23.88 0.01 22.44
CA ASP A 299 -24.77 -0.82 23.26
C ASP A 299 -24.05 -2.05 23.80
N GLN A 300 -23.20 -2.68 22.97
CA GLN A 300 -22.42 -3.84 23.38
C GLN A 300 -21.05 -3.45 23.94
N SER A 301 -20.82 -2.16 24.19
CA SER A 301 -19.61 -1.68 24.85
C SER A 301 -18.34 -2.08 24.08
N TRP A 302 -18.37 -1.84 22.77
CA TRP A 302 -17.19 -2.07 21.95
C TRP A 302 -16.16 -0.97 22.16
N ASP A 303 -14.90 -1.34 22.04
CA ASP A 303 -13.79 -0.39 22.05
C ASP A 303 -13.00 -0.52 20.75
N ALA A 304 -11.91 0.25 20.65
CA ALA A 304 -11.09 0.22 19.45
C ALA A 304 -10.46 -1.15 19.24
N LYS A 305 -10.03 -1.80 20.33
CA LYS A 305 -9.44 -3.13 20.21
C LYS A 305 -10.43 -4.14 19.66
N ARG A 306 -11.70 -4.05 20.09
CA ARG A 306 -12.72 -4.97 19.58
C ARG A 306 -12.94 -4.79 18.09
N ILE A 307 -12.86 -3.54 17.61
CA ILE A 307 -13.09 -3.28 16.19
C ILE A 307 -12.07 -4.01 15.33
N PHE A 308 -10.79 -3.89 15.69
CA PHE A 308 -9.74 -4.53 14.89
C PHE A 308 -9.72 -6.04 15.10
N GLU A 309 -10.16 -6.52 16.26
CA GLU A 309 -10.31 -7.96 16.45
C GLU A 309 -11.34 -8.54 15.51
N GLU A 310 -12.47 -7.83 15.32
CA GLU A 310 -13.48 -8.29 14.39
C GLU A 310 -12.96 -8.23 12.95
N ALA A 311 -12.18 -7.19 12.63
CA ALA A 311 -11.56 -7.13 11.30
C ALA A 311 -10.61 -8.30 11.09
N GLU A 312 -9.81 -8.63 12.11
CA GLU A 312 -8.89 -9.76 12.00
C GLU A 312 -9.65 -11.07 11.79
N LYS A 313 -10.77 -11.24 12.49
CA LYS A 313 -11.58 -12.44 12.29
C LYS A 313 -12.11 -12.52 10.87
N PHE A 314 -12.46 -11.37 10.28
CA PHE A 314 -12.98 -11.36 8.91
C PHE A 314 -11.95 -11.86 7.92
N PHE A 315 -10.69 -11.43 8.06
CA PHE A 315 -9.64 -11.90 7.16
C PHE A 315 -9.26 -13.35 7.45
N VAL A 316 -9.33 -13.77 8.72
CA VAL A 316 -9.09 -15.18 9.05
C VAL A 316 -10.19 -16.04 8.45
N SER A 317 -11.42 -15.54 8.43
CA SER A 317 -12.54 -16.32 7.91
C SER A 317 -12.37 -16.66 6.43
N VAL A 318 -11.64 -15.82 5.69
CA VAL A 318 -11.43 -16.05 4.26
C VAL A 318 -10.08 -16.71 3.98
N GLY A 319 -9.40 -17.20 5.02
CA GLY A 319 -8.14 -17.91 4.84
C GLY A 319 -6.91 -17.04 4.85
N LEU A 320 -7.02 -15.77 5.21
CA LEU A 320 -5.87 -14.88 5.27
C LEU A 320 -5.24 -14.92 6.65
N PRO A 321 -3.95 -14.61 6.76
CA PRO A 321 -3.26 -14.73 8.05
C PRO A 321 -3.77 -13.73 9.08
N ASN A 322 -3.53 -14.05 10.34
CA ASN A 322 -3.86 -13.15 11.43
C ASN A 322 -2.94 -11.93 11.39
N MET A 323 -3.22 -10.98 12.28
CA MET A 323 -2.31 -9.87 12.49
C MET A 323 -1.12 -10.32 13.32
N THR A 324 0.04 -9.75 13.03
CA THR A 324 1.25 -10.12 13.76
C THR A 324 1.17 -9.63 15.21
N GLN A 325 2.00 -10.23 16.06
CA GLN A 325 2.04 -9.80 17.45
C GLN A 325 2.50 -8.36 17.56
N GLY A 326 3.50 -7.97 16.77
CA GLY A 326 3.95 -6.58 16.77
C GLY A 326 2.93 -5.59 16.27
N PHE A 327 1.96 -6.06 15.46
CA PHE A 327 0.89 -5.17 15.01
C PHE A 327 0.07 -4.65 16.18
N TRP A 328 -0.26 -5.52 17.13
CA TRP A 328 -1.03 -5.08 18.29
C TRP A 328 -0.19 -4.24 19.24
N GLU A 329 1.09 -4.58 19.39
CA GLU A 329 1.94 -3.88 20.35
C GLU A 329 2.38 -2.51 19.86
N ASN A 330 2.69 -2.38 18.57
CA ASN A 330 3.36 -1.19 18.07
C ASN A 330 2.44 -0.21 17.34
N SER A 331 1.25 -0.64 16.92
CA SER A 331 0.37 0.26 16.18
C SER A 331 -0.24 1.29 17.11
N MET A 332 -0.83 2.33 16.49
CA MET A 332 -1.57 3.36 17.20
C MET A 332 -3.03 3.24 16.77
N LEU A 333 -3.80 2.46 17.53
CA LEU A 333 -5.21 2.22 17.25
C LEU A 333 -6.13 3.14 18.04
N THR A 334 -5.58 4.23 18.59
CA THR A 334 -6.33 5.15 19.44
C THR A 334 -5.52 6.42 19.61
N GLU A 335 -6.19 7.57 19.61
CA GLU A 335 -5.49 8.83 19.83
C GLU A 335 -4.84 8.81 21.21
N PRO A 336 -3.55 9.17 21.31
CA PRO A 336 -2.86 9.08 22.59
C PRO A 336 -3.41 10.06 23.61
N GLY A 337 -3.56 9.58 24.85
CA GLY A 337 -4.05 10.40 25.93
C GLY A 337 -2.96 10.82 26.90
N ASP A 338 -1.70 10.77 26.46
CA ASP A 338 -0.56 11.10 27.30
C ASP A 338 0.16 12.34 26.80
N GLY A 339 -0.56 13.25 26.16
CA GLY A 339 0.00 14.52 25.72
C GLY A 339 0.72 14.50 24.40
N ARG A 340 0.86 13.34 23.76
CA ARG A 340 1.50 13.27 22.45
C ARG A 340 0.57 13.88 21.40
N LYS A 341 1.12 14.75 20.57
CA LYS A 341 0.35 15.45 19.55
C LYS A 341 0.51 14.72 18.22
N VAL A 342 -0.61 14.20 17.70
CA VAL A 342 -0.65 13.59 16.37
C VAL A 342 -1.84 14.17 15.63
N VAL A 343 -1.75 14.16 14.30
CA VAL A 343 -2.86 14.56 13.44
C VAL A 343 -3.59 13.29 13.02
N CYS A 344 -4.87 13.22 13.36
CA CYS A 344 -5.65 12.00 13.19
C CYS A 344 -5.96 11.80 11.72
N HIS A 345 -5.18 10.95 11.06
CA HIS A 345 -5.35 10.60 9.66
C HIS A 345 -5.13 9.10 9.49
N PRO A 346 -6.11 8.37 8.95
CA PRO A 346 -5.96 6.91 8.85
C PRO A 346 -4.86 6.53 7.87
N THR A 347 -3.95 5.68 8.32
CA THR A 347 -2.86 5.19 7.49
C THR A 347 -2.50 3.78 7.92
N ALA A 348 -2.13 2.95 6.95
CA ALA A 348 -1.61 1.61 7.19
C ALA A 348 -0.15 1.56 6.74
N TRP A 349 0.73 1.15 7.65
CA TRP A 349 2.17 1.26 7.44
C TRP A 349 2.78 -0.10 7.15
N ASP A 350 3.73 -0.12 6.20
CA ASP A 350 4.57 -1.28 5.93
C ASP A 350 6.01 -0.82 6.14
N LEU A 351 6.47 -0.89 7.39
CA LEU A 351 7.81 -0.43 7.71
C LEU A 351 8.89 -1.38 7.21
N GLY A 352 8.53 -2.59 6.82
CA GLY A 352 9.50 -3.58 6.43
C GLY A 352 10.03 -4.37 7.61
N LYS A 353 10.83 -5.39 7.30
CA LYS A 353 11.43 -6.28 8.29
C LYS A 353 10.36 -6.93 9.17
N GLY A 354 9.21 -7.24 8.58
CA GLY A 354 8.13 -7.86 9.31
C GLY A 354 7.35 -6.94 10.22
N ASP A 355 7.47 -5.63 10.03
CA ASP A 355 6.82 -4.65 10.90
C ASP A 355 5.65 -4.03 10.13
N PHE A 356 4.43 -4.35 10.58
CA PHE A 356 3.20 -3.82 10.00
C PHE A 356 2.39 -3.14 11.07
N ARG A 357 1.98 -1.90 10.82
CA ARG A 357 1.26 -1.11 11.81
C ARG A 357 0.14 -0.32 11.13
N ILE A 358 -0.86 0.05 11.93
CA ILE A 358 -1.96 0.90 11.51
C ILE A 358 -2.04 2.08 12.48
N LYS A 359 -2.12 3.29 11.93
CA LYS A 359 -2.22 4.51 12.73
C LYS A 359 -3.61 5.10 12.53
N MET A 360 -4.50 4.87 13.48
CA MET A 360 -5.86 5.39 13.44
C MET A 360 -6.27 5.91 14.81
N CYS A 361 -6.92 7.07 14.82
CA CYS A 361 -7.61 7.54 16.02
C CYS A 361 -9.00 6.93 16.05
N THR A 362 -9.04 5.63 16.30
CA THR A 362 -10.28 4.87 16.17
C THR A 362 -11.33 5.35 17.17
N LYS A 363 -12.52 5.61 16.66
CA LYS A 363 -13.70 5.88 17.46
C LYS A 363 -14.69 4.74 17.34
N VAL A 364 -15.64 4.69 18.26
CA VAL A 364 -16.69 3.66 18.21
C VAL A 364 -17.80 4.24 17.33
N THR A 365 -17.58 4.13 16.02
CA THR A 365 -18.54 4.55 15.00
C THR A 365 -18.51 3.54 13.87
N MET A 366 -19.61 3.49 13.10
CA MET A 366 -19.64 2.61 11.95
C MET A 366 -18.61 3.00 10.91
N ASP A 367 -18.26 4.29 10.84
CA ASP A 367 -17.26 4.75 9.88
C ASP A 367 -15.90 4.13 10.20
N ASP A 368 -15.43 4.27 11.45
CA ASP A 368 -14.12 3.75 11.81
C ASP A 368 -14.10 2.23 11.82
N PHE A 369 -15.25 1.60 12.06
CA PHE A 369 -15.34 0.15 11.90
C PHE A 369 -15.07 -0.25 10.45
N LEU A 370 -15.60 0.51 9.50
CA LEU A 370 -15.41 0.19 8.09
C LEU A 370 -13.99 0.51 7.63
N THR A 371 -13.46 1.66 8.02
CA THR A 371 -12.12 2.03 7.58
C THR A 371 -11.06 1.14 8.22
N ALA A 372 -11.35 0.55 9.39
CA ALA A 372 -10.42 -0.40 9.98
C ALA A 372 -10.24 -1.63 9.10
N HIS A 373 -11.34 -2.13 8.53
CA HIS A 373 -11.25 -3.20 7.54
C HIS A 373 -10.50 -2.72 6.31
N HIS A 374 -10.72 -1.46 5.91
CA HIS A 374 -10.03 -0.89 4.77
C HIS A 374 -8.53 -0.82 5.01
N GLU A 375 -8.12 -0.34 6.18
CA GLU A 375 -6.69 -0.20 6.47
C GLU A 375 -6.05 -1.57 6.71
N MET A 376 -6.75 -2.48 7.37
CA MET A 376 -6.24 -3.84 7.49
C MET A 376 -6.20 -4.55 6.14
N GLY A 377 -7.07 -4.13 5.22
CA GLY A 377 -6.95 -4.61 3.85
C GLY A 377 -5.66 -4.19 3.19
N HIS A 378 -5.21 -2.96 3.48
CA HIS A 378 -3.88 -2.53 3.05
C HIS A 378 -2.81 -3.41 3.67
N ILE A 379 -2.96 -3.74 4.95
CA ILE A 379 -1.93 -4.52 5.66
C ILE A 379 -1.82 -5.92 5.07
N GLN A 380 -2.97 -6.55 4.79
CA GLN A 380 -2.94 -7.90 4.22
C GLN A 380 -2.21 -7.92 2.88
N TYR A 381 -2.39 -6.87 2.07
CA TYR A 381 -1.63 -6.75 0.83
C TYR A 381 -0.14 -6.65 1.13
N ASP A 382 0.23 -5.83 2.12
CA ASP A 382 1.65 -5.65 2.44
C ASP A 382 2.27 -6.94 2.95
N MET A 383 1.56 -7.68 3.80
CA MET A 383 2.08 -8.93 4.32
C MET A 383 2.26 -9.96 3.21
N ALA A 384 1.35 -9.98 2.24
CA ALA A 384 1.37 -11.03 1.22
C ALA A 384 2.59 -10.91 0.32
N TYR A 385 2.93 -9.70 -0.13
CA TYR A 385 4.04 -9.54 -1.06
C TYR A 385 5.37 -9.27 -0.35
N ALA A 386 5.43 -9.44 0.96
CA ALA A 386 6.72 -9.36 1.66
C ALA A 386 7.67 -10.45 1.21
N VAL A 387 7.15 -11.55 0.65
CA VAL A 387 8.00 -12.60 0.10
C VAL A 387 8.74 -12.14 -1.14
N GLN A 388 8.24 -11.10 -1.81
CA GLN A 388 8.92 -10.56 -2.97
C GLN A 388 10.16 -9.79 -2.56
N PRO A 389 11.08 -9.55 -3.49
CA PRO A 389 12.19 -8.64 -3.20
C PRO A 389 11.68 -7.25 -2.84
N TYR A 390 12.56 -6.46 -2.22
CA TYR A 390 12.13 -5.17 -1.69
C TYR A 390 11.59 -4.27 -2.80
N LEU A 391 12.27 -4.21 -3.94
CA LEU A 391 11.87 -3.30 -5.00
C LEU A 391 10.53 -3.66 -5.63
N LEU A 392 10.04 -4.88 -5.41
CA LEU A 392 8.78 -5.33 -5.99
C LEU A 392 7.66 -5.39 -4.96
N ARG A 393 7.86 -4.80 -3.77
CA ARG A 393 6.85 -4.83 -2.71
C ARG A 393 5.96 -3.60 -2.86
N ASN A 394 4.92 -3.71 -3.67
CA ASN A 394 3.96 -2.65 -3.91
C ASN A 394 2.77 -3.25 -4.64
N GLY A 395 1.73 -2.44 -4.81
CA GLY A 395 0.60 -2.86 -5.60
C GLY A 395 0.96 -3.04 -7.07
N ALA A 396 0.15 -3.82 -7.77
CA ALA A 396 0.43 -4.09 -9.18
C ALA A 396 0.56 -2.81 -9.99
N ASN A 397 -0.33 -1.85 -9.74
CA ASN A 397 -0.15 -0.48 -10.19
C ASN A 397 -0.64 0.44 -9.07
N GLU A 398 -0.74 1.74 -9.38
CA GLU A 398 -1.07 2.72 -8.35
C GLU A 398 -2.50 2.57 -7.83
N GLY A 399 -3.36 1.85 -8.52
CA GLY A 399 -4.75 1.75 -8.13
C GLY A 399 -5.14 0.47 -7.41
N PHE A 400 -4.23 -0.51 -7.37
CA PHE A 400 -4.57 -1.80 -6.80
C PHE A 400 -4.81 -1.71 -5.30
N HIS A 401 -3.98 -0.95 -4.59
CA HIS A 401 -4.00 -0.98 -3.13
C HIS A 401 -5.31 -0.45 -2.57
N GLU A 402 -5.73 0.74 -3.01
CA GLU A 402 -6.98 1.32 -2.50
C GLU A 402 -8.19 0.50 -2.91
N ALA A 403 -8.13 -0.13 -4.09
CA ALA A 403 -9.22 -1.00 -4.53
C ALA A 403 -9.32 -2.22 -3.60
N VAL A 404 -8.19 -2.78 -3.19
CA VAL A 404 -8.20 -3.93 -2.29
C VAL A 404 -8.79 -3.52 -0.94
N GLY A 405 -8.40 -2.35 -0.43
CA GLY A 405 -8.95 -1.89 0.83
C GLY A 405 -10.44 -1.60 0.76
N GLU A 406 -10.90 -1.07 -0.38
CA GLU A 406 -12.30 -0.69 -0.50
C GLU A 406 -13.22 -1.91 -0.50
N ILE A 407 -12.82 -3.00 -1.16
CA ILE A 407 -13.68 -4.17 -1.23
C ILE A 407 -13.84 -4.85 0.12
N MET A 408 -12.92 -4.59 1.06
CA MET A 408 -13.12 -5.10 2.42
C MET A 408 -14.25 -4.35 3.11
N SER A 409 -14.35 -3.04 2.88
CA SER A 409 -15.45 -2.26 3.44
C SER A 409 -16.79 -2.67 2.86
N LEU A 410 -16.82 -3.07 1.59
CA LEU A 410 -18.07 -3.49 0.96
C LEU A 410 -18.65 -4.71 1.65
N SER A 411 -17.84 -5.75 1.82
CA SER A 411 -18.32 -6.98 2.47
C SER A 411 -18.64 -6.73 3.94
N ALA A 412 -17.85 -5.90 4.61
CA ALA A 412 -18.07 -5.63 6.02
C ALA A 412 -19.39 -4.90 6.24
N ALA A 413 -19.72 -3.94 5.38
CA ALA A 413 -20.89 -3.09 5.58
C ALA A 413 -22.21 -3.78 5.22
N THR A 414 -22.17 -4.95 4.59
CA THR A 414 -23.39 -5.62 4.19
C THR A 414 -24.20 -6.04 5.42
N PRO A 415 -25.54 -6.04 5.32
CA PRO A 415 -26.34 -6.62 6.41
C PRO A 415 -26.02 -8.07 6.68
N ASN A 416 -25.63 -8.82 5.65
CA ASN A 416 -25.22 -10.21 5.83
C ASN A 416 -24.09 -10.32 6.83
N HIS A 417 -23.06 -9.47 6.70
CA HIS A 417 -21.94 -9.52 7.62
C HIS A 417 -22.32 -8.99 9.00
N LEU A 418 -23.08 -7.89 9.05
CA LEU A 418 -23.43 -7.30 10.34
C LEU A 418 -24.32 -8.21 11.18
N LYS A 419 -25.20 -8.97 10.53
CA LYS A 419 -26.00 -9.96 11.26
C LYS A 419 -25.13 -11.05 11.85
N ALA A 420 -24.12 -11.51 11.10
CA ALA A 420 -23.21 -12.53 11.61
C ALA A 420 -22.33 -11.98 12.72
N ILE A 421 -22.02 -10.69 12.70
CA ILE A 421 -21.16 -10.10 13.73
C ILE A 421 -21.93 -9.77 15.00
N GLY A 422 -23.24 -9.56 14.90
CA GLY A 422 -24.04 -9.22 16.05
C GLY A 422 -24.31 -7.74 16.25
N LEU A 423 -24.13 -6.92 15.22
CA LEU A 423 -24.48 -5.51 15.27
C LEU A 423 -25.87 -5.23 14.74
N LEU A 424 -26.50 -6.22 14.11
CA LEU A 424 -27.88 -6.18 13.66
C LEU A 424 -28.65 -7.34 14.27
N PRO A 425 -29.95 -7.19 14.52
CA PRO A 425 -30.73 -8.31 15.00
C PRO A 425 -30.79 -9.41 13.96
N PRO A 426 -30.81 -10.68 14.38
CA PRO A 426 -31.01 -11.76 13.42
C PRO A 426 -32.37 -11.69 12.73
N ASP A 427 -33.31 -10.95 13.29
CA ASP A 427 -34.61 -10.71 12.70
C ASP A 427 -34.61 -9.54 11.72
N PHE A 428 -33.43 -9.01 11.38
CA PHE A 428 -33.34 -7.77 10.62
C PHE A 428 -34.09 -7.89 9.30
N TYR A 429 -34.90 -6.88 9.01
CA TYR A 429 -35.65 -6.75 7.77
C TYR A 429 -35.07 -5.57 7.01
N GLU A 430 -34.46 -5.83 5.86
CA GLU A 430 -33.93 -4.75 5.04
C GLU A 430 -34.94 -4.44 3.93
N ASP A 431 -35.40 -3.20 3.92
CA ASP A 431 -36.33 -2.73 2.92
C ASP A 431 -35.65 -2.58 1.57
N SER A 432 -36.40 -2.84 0.50
CA SER A 432 -35.88 -2.53 -0.83
C SER A 432 -35.66 -1.03 -0.99
N GLU A 433 -36.47 -0.22 -0.30
CA GLU A 433 -36.27 1.22 -0.31
C GLU A 433 -34.95 1.62 0.35
N THR A 434 -34.62 0.98 1.47
CA THR A 434 -33.33 1.24 2.11
C THR A 434 -32.18 0.81 1.23
N GLU A 435 -32.36 -0.27 0.46
CA GLU A 435 -31.33 -0.70 -0.48
C GLU A 435 -31.09 0.35 -1.56
N ILE A 436 -32.17 0.91 -2.11
CA ILE A 436 -32.03 1.95 -3.12
C ILE A 436 -31.44 3.22 -2.49
N ASN A 437 -31.80 3.51 -1.25
CA ASN A 437 -31.19 4.63 -0.54
C ASN A 437 -29.68 4.44 -0.42
N PHE A 438 -29.25 3.21 -0.16
CA PHE A 438 -27.82 2.93 -0.05
C PHE A 438 -27.12 3.00 -1.41
N LEU A 439 -27.75 2.42 -2.44
CA LEU A 439 -27.14 2.44 -3.77
C LEU A 439 -27.04 3.85 -4.32
N LEU A 440 -28.05 4.69 -4.04
CA LEU A 440 -28.01 6.07 -4.50
C LEU A 440 -26.86 6.83 -3.85
N LYS A 441 -26.64 6.63 -2.55
CA LYS A 441 -25.53 7.30 -1.88
C LYS A 441 -24.19 6.80 -2.43
N GLN A 442 -24.10 5.51 -2.73
CA GLN A 442 -22.89 4.99 -3.36
C GLN A 442 -22.65 5.62 -4.72
N ALA A 443 -23.71 5.77 -5.52
CA ALA A 443 -23.57 6.32 -6.85
C ALA A 443 -23.11 7.78 -6.82
N LEU A 444 -23.58 8.55 -5.84
CA LEU A 444 -23.19 9.94 -5.74
C LEU A 444 -21.68 10.08 -5.55
N THR A 445 -21.09 9.20 -4.74
CA THR A 445 -19.65 9.23 -4.53
C THR A 445 -18.90 8.50 -5.63
N ILE A 446 -19.34 7.29 -5.97
CA ILE A 446 -18.59 6.44 -6.88
C ILE A 446 -18.83 6.84 -8.33
N VAL A 447 -20.11 6.87 -8.75
CA VAL A 447 -20.40 7.18 -10.15
C VAL A 447 -20.25 8.67 -10.44
N GLY A 448 -20.58 9.53 -9.47
CA GLY A 448 -20.50 10.96 -9.71
C GLY A 448 -19.08 11.45 -9.99
N THR A 449 -18.09 10.83 -9.36
CA THR A 449 -16.71 11.28 -9.52
C THR A 449 -16.07 10.78 -10.82
N LEU A 450 -16.65 9.75 -11.45
CA LEU A 450 -16.01 9.19 -12.64
C LEU A 450 -15.93 10.18 -13.80
N PRO A 451 -17.03 10.84 -14.23
CA PRO A 451 -16.89 11.85 -15.28
C PRO A 451 -16.02 13.04 -14.86
N PHE A 452 -16.06 13.41 -13.59
CA PHE A 452 -15.18 14.48 -13.11
C PHE A 452 -13.72 14.08 -13.22
N THR A 453 -13.39 12.87 -12.77
CA THR A 453 -12.00 12.41 -12.81
C THR A 453 -11.51 12.24 -14.24
N TYR A 454 -12.35 11.66 -15.11
CA TYR A 454 -11.94 11.41 -16.49
C TYR A 454 -11.73 12.71 -17.24
N MET A 455 -12.67 13.65 -17.14
CA MET A 455 -12.56 14.90 -17.88
C MET A 455 -11.36 15.72 -17.41
N LEU A 456 -11.11 15.73 -16.09
CA LEU A 456 -10.01 16.51 -15.55
C LEU A 456 -8.67 16.01 -16.08
N GLU A 457 -8.43 14.70 -15.99
CA GLU A 457 -7.17 14.15 -16.47
C GLU A 457 -7.06 14.23 -17.99
N LYS A 458 -8.18 14.11 -18.70
CA LYS A 458 -8.15 14.27 -20.15
C LYS A 458 -7.72 15.69 -20.53
N TRP A 459 -8.23 16.69 -19.80
CA TRP A 459 -7.82 18.07 -20.06
C TRP A 459 -6.32 18.25 -19.84
N ARG A 460 -5.81 17.73 -18.73
CA ARG A 460 -4.37 17.84 -18.45
C ARG A 460 -3.56 17.06 -19.46
N TRP A 461 -4.05 15.89 -19.88
CA TRP A 461 -3.35 15.09 -20.88
C TRP A 461 -3.20 15.87 -22.19
N MET A 462 -4.28 16.50 -22.64
CA MET A 462 -4.23 17.27 -23.88
C MET A 462 -3.40 18.55 -23.73
N VAL A 463 -3.42 19.16 -22.54
CA VAL A 463 -2.61 20.36 -22.32
C VAL A 463 -1.13 20.03 -22.44
N PHE A 464 -0.70 18.96 -21.79
CA PHE A 464 0.69 18.52 -21.92
C PHE A 464 1.00 18.07 -23.35
N LYS A 465 0.03 17.43 -24.00
CA LYS A 465 0.19 17.02 -25.39
C LYS A 465 0.21 18.20 -26.35
N GLY A 466 -0.13 19.40 -25.89
CA GLY A 466 -0.10 20.57 -26.75
C GLY A 466 -1.30 20.72 -27.65
N GLU A 467 -2.37 19.97 -27.40
CA GLU A 467 -3.58 20.07 -28.21
C GLU A 467 -4.51 21.19 -27.78
N ILE A 468 -4.26 21.80 -26.63
CA ILE A 468 -5.03 22.93 -26.14
C ILE A 468 -4.10 24.12 -26.00
N PRO A 469 -4.16 25.08 -26.93
CA PRO A 469 -3.36 26.30 -26.78
C PRO A 469 -3.79 27.09 -25.56
N LYS A 470 -2.85 27.87 -25.04
CA LYS A 470 -3.06 28.59 -23.78
C LYS A 470 -4.15 29.65 -23.92
N GLU A 471 -4.46 30.05 -25.16
CA GLU A 471 -5.60 30.91 -25.46
C GLU A 471 -6.93 30.16 -25.38
N GLU A 472 -6.89 28.84 -25.24
CA GLU A 472 -8.10 28.02 -25.19
C GLU A 472 -8.19 27.17 -23.93
N TRP A 473 -7.30 27.38 -22.94
CA TRP A 473 -7.28 26.53 -21.76
C TRP A 473 -8.62 26.54 -21.04
N MET A 474 -9.14 27.72 -20.73
CA MET A 474 -10.43 27.84 -20.07
C MET A 474 -11.60 27.77 -21.04
N LYS A 475 -11.34 27.86 -22.34
CA LYS A 475 -12.40 27.63 -23.32
C LYS A 475 -12.69 26.14 -23.48
N LYS A 476 -11.65 25.33 -23.58
CA LYS A 476 -11.84 23.89 -23.65
C LYS A 476 -12.37 23.34 -22.33
N TRP A 477 -11.77 23.77 -21.21
CA TRP A 477 -12.08 23.19 -19.91
C TRP A 477 -13.59 23.17 -19.64
N TRP A 478 -14.27 24.28 -19.93
CA TRP A 478 -15.70 24.32 -19.73
C TRP A 478 -16.47 23.70 -20.88
N GLU A 479 -15.88 23.68 -22.09
CA GLU A 479 -16.49 22.92 -23.18
C GLU A 479 -16.49 21.43 -22.87
N MET A 480 -15.39 20.92 -22.28
CA MET A 480 -15.36 19.52 -21.85
C MET A 480 -16.24 19.31 -20.62
N LYS A 481 -16.24 20.28 -19.69
CA LYS A 481 -17.06 20.14 -18.49
C LYS A 481 -18.55 20.10 -18.85
N ARG A 482 -18.98 20.92 -19.80
CA ARG A 482 -20.36 20.87 -20.27
C ARG A 482 -20.66 19.55 -20.96
N GLU A 483 -19.76 19.11 -21.86
CA GLU A 483 -20.04 17.95 -22.69
C GLU A 483 -19.90 16.66 -21.90
N ILE A 484 -18.71 16.41 -21.35
CA ILE A 484 -18.43 15.13 -20.72
C ILE A 484 -19.12 15.01 -19.37
N VAL A 485 -18.98 16.02 -18.52
CA VAL A 485 -19.50 15.94 -17.16
C VAL A 485 -20.96 16.43 -17.05
N GLY A 486 -21.44 17.18 -18.03
CA GLY A 486 -22.76 17.78 -17.90
C GLY A 486 -22.81 18.84 -16.82
N VAL A 487 -21.77 19.66 -16.72
CA VAL A 487 -21.65 20.68 -15.68
C VAL A 487 -21.26 21.99 -16.36
N VAL A 488 -21.97 23.07 -16.03
CA VAL A 488 -21.79 24.37 -16.67
C VAL A 488 -21.32 25.37 -15.63
N GLU A 489 -20.40 26.24 -16.04
CA GLU A 489 -19.93 27.29 -15.16
C GLU A 489 -21.02 28.33 -14.92
N PRO A 490 -21.16 28.83 -13.70
CA PRO A 490 -22.16 29.89 -13.45
C PRO A 490 -21.70 31.27 -13.88
N VAL A 491 -20.40 31.49 -14.05
CA VAL A 491 -19.86 32.78 -14.48
C VAL A 491 -18.88 32.52 -15.61
N PRO A 492 -18.93 33.28 -16.70
CA PRO A 492 -17.92 33.11 -17.76
C PRO A 492 -16.53 33.43 -17.25
N HIS A 493 -15.56 32.60 -17.65
CA HIS A 493 -14.18 32.74 -17.22
C HIS A 493 -13.29 32.85 -18.46
N ASP A 494 -12.52 33.93 -18.54
CA ASP A 494 -11.60 34.13 -19.65
C ASP A 494 -10.30 33.38 -19.37
N GLU A 495 -9.28 33.62 -20.18
CA GLU A 495 -8.01 32.92 -20.05
C GLU A 495 -7.13 33.47 -18.94
N THR A 496 -7.63 34.41 -18.14
CA THR A 496 -6.93 34.80 -16.93
C THR A 496 -7.14 33.81 -15.79
N TYR A 497 -8.22 33.04 -15.84
CA TYR A 497 -8.51 32.03 -14.83
C TYR A 497 -7.65 30.78 -15.05
N CYS A 498 -7.51 30.00 -13.99
CA CYS A 498 -7.05 28.61 -14.09
C CYS A 498 -7.86 27.83 -13.05
N ASP A 499 -9.01 27.32 -13.47
CA ASP A 499 -9.92 26.60 -12.60
C ASP A 499 -9.45 25.18 -12.29
N PRO A 500 -8.86 24.46 -13.26
CA PRO A 500 -8.24 23.17 -12.89
C PRO A 500 -7.20 23.30 -11.80
N ALA A 501 -6.40 24.37 -11.84
CA ALA A 501 -5.41 24.59 -10.78
C ALA A 501 -6.04 24.87 -9.43
N ALA A 502 -7.33 25.27 -9.41
CA ALA A 502 -8.03 25.50 -8.15
C ALA A 502 -8.37 24.22 -7.41
N LEU A 503 -7.92 23.06 -7.90
CA LEU A 503 -8.05 21.80 -7.20
C LEU A 503 -6.69 21.40 -6.62
N PHE A 504 -6.74 20.72 -5.46
CA PHE A 504 -5.53 20.37 -4.75
C PHE A 504 -4.59 19.55 -5.62
N HIS A 505 -5.10 18.50 -6.25
CA HIS A 505 -4.24 17.55 -6.96
C HIS A 505 -3.53 18.21 -8.15
N VAL A 506 -4.24 19.08 -8.86
CA VAL A 506 -3.62 19.77 -10.00
C VAL A 506 -2.56 20.74 -9.52
N ALA A 507 -2.85 21.51 -8.47
CA ALA A 507 -1.89 22.49 -7.96
C ALA A 507 -0.69 21.86 -7.28
N ASN A 508 -0.82 20.61 -6.81
CA ASN A 508 0.25 19.95 -6.07
C ASN A 508 0.92 18.84 -6.87
N ASP A 509 0.85 18.91 -8.20
CA ASP A 509 1.62 18.03 -9.08
C ASP A 509 1.34 16.55 -8.82
N TYR A 510 0.06 16.18 -8.84
CA TYR A 510 -0.36 14.81 -8.62
C TYR A 510 -1.18 14.32 -9.80
N SER A 511 -0.91 13.10 -10.24
CA SER A 511 -1.75 12.45 -11.24
C SER A 511 -3.13 12.16 -10.65
N PHE A 512 -4.14 12.11 -11.51
CA PHE A 512 -5.52 12.03 -11.06
C PHE A 512 -6.29 10.84 -11.60
N ILE A 513 -5.78 10.12 -12.59
CA ILE A 513 -6.53 9.01 -13.19
C ILE A 513 -6.66 7.81 -12.27
N ARG A 514 -5.91 7.79 -11.15
CA ARG A 514 -5.98 6.66 -10.24
C ARG A 514 -7.37 6.51 -9.63
N TYR A 515 -8.03 7.63 -9.36
CA TYR A 515 -9.38 7.60 -8.79
C TYR A 515 -10.40 7.03 -9.77
N TYR A 516 -10.07 6.99 -11.06
CA TYR A 516 -10.91 6.36 -12.07
C TYR A 516 -10.63 4.87 -12.19
N THR A 517 -9.35 4.49 -12.21
CA THR A 517 -8.99 3.09 -12.44
C THR A 517 -9.32 2.22 -11.23
N ARG A 518 -8.96 2.68 -10.03
CA ARG A 518 -9.20 1.87 -8.84
C ARG A 518 -10.68 1.75 -8.51
N THR A 519 -11.50 2.70 -8.96
CA THR A 519 -12.95 2.53 -8.85
C THR A 519 -13.41 1.35 -9.70
N ILE A 520 -12.88 1.22 -10.91
CA ILE A 520 -13.22 0.08 -11.77
C ILE A 520 -12.60 -1.20 -11.24
N TYR A 521 -11.37 -1.11 -10.70
CA TYR A 521 -10.70 -2.30 -10.20
C TYR A 521 -11.46 -2.96 -9.06
N GLN A 522 -11.98 -2.15 -8.13
CA GLN A 522 -12.56 -2.72 -6.92
C GLN A 522 -13.82 -3.53 -7.21
N PHE A 523 -14.64 -3.07 -8.17
CA PHE A 523 -15.82 -3.85 -8.51
C PHE A 523 -15.48 -5.06 -9.37
N GLN A 524 -14.40 -4.96 -10.17
CA GLN A 524 -13.87 -6.15 -10.82
C GLN A 524 -13.38 -7.17 -9.80
N PHE A 525 -12.70 -6.69 -8.76
CA PHE A 525 -12.26 -7.58 -7.68
C PHE A 525 -13.45 -8.21 -6.98
N GLN A 526 -14.41 -7.37 -6.56
CA GLN A 526 -15.52 -7.86 -5.75
C GLN A 526 -16.36 -8.87 -6.50
N GLU A 527 -16.67 -8.59 -7.78
CA GLU A 527 -17.50 -9.50 -8.55
C GLU A 527 -16.82 -10.86 -8.71
N ALA A 528 -15.52 -10.87 -8.98
CA ALA A 528 -14.79 -12.13 -9.11
C ALA A 528 -14.76 -12.89 -7.79
N LEU A 529 -14.55 -12.18 -6.68
CA LEU A 529 -14.51 -12.85 -5.38
C LEU A 529 -15.89 -13.36 -4.98
N CYS A 530 -16.95 -12.61 -5.33
CA CYS A 530 -18.30 -13.06 -5.01
C CYS A 530 -18.73 -14.23 -5.87
N GLN A 531 -18.30 -14.28 -7.13
CA GLN A 531 -18.58 -15.44 -7.96
C GLN A 531 -17.87 -16.68 -7.44
N THR A 532 -16.62 -16.52 -6.98
CA THR A 532 -15.90 -17.63 -6.37
C THR A 532 -16.60 -18.10 -5.10
N ALA A 533 -17.06 -17.16 -4.28
CA ALA A 533 -17.82 -17.49 -3.07
C ALA A 533 -19.21 -18.03 -3.39
N LYS A 534 -19.60 -18.04 -4.67
CA LYS A 534 -20.90 -18.54 -5.10
C LYS A 534 -22.05 -17.81 -4.41
N HIS A 535 -21.93 -16.48 -4.34
CA HIS A 535 -22.97 -15.65 -3.72
C HIS A 535 -24.12 -15.46 -4.70
N GLU A 536 -25.33 -15.80 -4.27
CA GLU A 536 -26.53 -15.64 -5.09
C GLU A 536 -27.21 -14.33 -4.72
N GLY A 537 -27.59 -13.57 -5.74
CA GLY A 537 -28.29 -12.32 -5.53
C GLY A 537 -27.54 -11.12 -6.07
N PRO A 538 -28.05 -9.93 -5.78
CA PRO A 538 -27.39 -8.71 -6.26
C PRO A 538 -25.97 -8.58 -5.71
N LEU A 539 -25.09 -8.03 -6.54
CA LEU A 539 -23.67 -7.96 -6.18
C LEU A 539 -23.43 -7.08 -4.96
N HIS A 540 -24.19 -5.99 -4.84
CA HIS A 540 -24.00 -5.05 -3.75
C HIS A 540 -24.33 -5.64 -2.39
N LYS A 541 -25.01 -6.78 -2.33
CA LYS A 541 -25.32 -7.46 -1.08
C LYS A 541 -24.33 -8.58 -0.76
N CYS A 542 -23.32 -8.78 -1.58
CA CYS A 542 -22.43 -9.92 -1.41
C CYS A 542 -21.51 -9.74 -0.20
N ASP A 543 -21.22 -10.86 0.45
CA ASP A 543 -20.34 -10.88 1.62
C ASP A 543 -19.39 -12.06 1.46
N ILE A 544 -18.11 -11.76 1.21
CA ILE A 544 -17.11 -12.81 0.96
C ILE A 544 -16.65 -13.49 2.25
N SER A 545 -17.24 -13.15 3.39
CA SER A 545 -16.83 -13.74 4.66
C SER A 545 -17.01 -15.25 4.63
N ASN A 546 -16.08 -15.96 5.28
CA ASN A 546 -16.10 -17.41 5.42
C ASN A 546 -15.98 -18.13 4.07
N SER A 547 -15.37 -17.48 3.08
CA SER A 547 -15.10 -18.09 1.79
C SER A 547 -13.58 -18.16 1.63
N THR A 548 -13.00 -19.27 2.09
CA THR A 548 -11.56 -19.47 1.92
C THR A 548 -11.17 -19.49 0.45
N GLU A 549 -12.07 -19.97 -0.42
CA GLU A 549 -11.79 -19.97 -1.86
C GLU A 549 -11.60 -18.56 -2.38
N ALA A 550 -12.41 -17.61 -1.90
CA ALA A 550 -12.23 -16.22 -2.29
C ALA A 550 -10.89 -15.68 -1.82
N GLY A 551 -10.44 -16.10 -0.64
CA GLY A 551 -9.17 -15.62 -0.12
C GLY A 551 -7.98 -16.08 -0.95
N GLN A 552 -7.97 -17.34 -1.36
CA GLN A 552 -6.86 -17.85 -2.17
C GLN A 552 -6.80 -17.12 -3.51
N LYS A 553 -7.96 -16.93 -4.16
CA LYS A 553 -7.98 -16.16 -5.40
C LYS A 553 -7.54 -14.72 -5.16
N LEU A 554 -7.82 -14.18 -3.97
CA LEU A 554 -7.29 -12.88 -3.59
C LEU A 554 -5.79 -12.96 -3.34
N LEU A 555 -5.34 -14.01 -2.64
CA LEU A 555 -3.92 -14.15 -2.33
C LEU A 555 -3.09 -14.37 -3.59
N GLN A 556 -3.67 -14.95 -4.64
CA GLN A 556 -2.93 -15.16 -5.87
C GLN A 556 -2.47 -13.85 -6.49
N MET A 557 -3.17 -12.75 -6.21
CA MET A 557 -2.79 -11.42 -6.68
C MET A 557 -2.04 -10.62 -5.62
N LEU A 558 -2.41 -10.75 -4.35
CA LEU A 558 -1.76 -9.99 -3.30
C LEU A 558 -0.29 -10.37 -3.16
N SER A 559 0.01 -11.67 -3.22
CA SER A 559 1.38 -12.13 -3.05
C SER A 559 2.28 -11.74 -4.21
N LEU A 560 1.72 -11.47 -5.39
CA LEU A 560 2.54 -11.09 -6.54
C LEU A 560 3.22 -9.74 -6.30
N GLY A 561 2.52 -8.81 -5.65
CA GLY A 561 3.08 -7.48 -5.50
C GLY A 561 3.23 -6.80 -6.84
N LYS A 562 4.43 -6.27 -7.09
CA LYS A 562 4.76 -5.66 -8.38
C LYS A 562 5.75 -6.51 -9.17
N SER A 563 5.82 -7.81 -8.90
CA SER A 563 6.74 -8.70 -9.58
C SER A 563 6.27 -9.10 -10.97
N GLU A 564 5.01 -8.85 -11.30
CA GLU A 564 4.43 -9.17 -12.60
C GLU A 564 3.69 -7.96 -13.12
N PRO A 565 3.46 -7.89 -14.43
CA PRO A 565 2.67 -6.77 -14.97
C PRO A 565 1.28 -6.74 -14.36
N TRP A 566 0.77 -5.52 -14.16
CA TRP A 566 -0.52 -5.36 -13.50
C TRP A 566 -1.63 -6.06 -14.28
N THR A 567 -1.47 -6.21 -15.60
CA THR A 567 -2.43 -6.98 -16.38
C THR A 567 -2.45 -8.44 -15.94
N LEU A 568 -1.27 -9.02 -15.73
CA LEU A 568 -1.20 -10.41 -15.26
C LEU A 568 -1.74 -10.54 -13.84
N ALA A 569 -1.39 -9.60 -12.96
CA ALA A 569 -1.92 -9.63 -11.60
C ALA A 569 -3.43 -9.47 -11.61
N LEU A 570 -3.96 -8.61 -12.48
CA LEU A 570 -5.40 -8.46 -12.60
C LEU A 570 -6.04 -9.77 -13.09
N GLU A 571 -5.40 -10.44 -14.05
CA GLU A 571 -5.96 -11.68 -14.57
C GLU A 571 -6.01 -12.79 -13.53
N ARG A 572 -5.06 -12.79 -12.59
CA ARG A 572 -5.03 -13.84 -11.58
C ARG A 572 -6.28 -13.84 -10.71
N ILE A 573 -6.88 -12.67 -10.48
CA ILE A 573 -8.02 -12.55 -9.57
C ILE A 573 -9.33 -12.49 -10.32
N VAL A 574 -9.40 -11.75 -11.43
CA VAL A 574 -10.67 -11.52 -12.13
C VAL A 574 -10.77 -12.27 -13.44
N GLY A 575 -9.68 -12.85 -13.95
CA GLY A 575 -9.72 -13.65 -15.15
C GLY A 575 -9.50 -12.89 -16.44
N VAL A 576 -9.62 -11.57 -16.43
CA VAL A 576 -9.36 -10.75 -17.61
C VAL A 576 -8.15 -9.86 -17.32
N LYS A 577 -7.48 -9.45 -18.39
CA LYS A 577 -6.22 -8.74 -18.32
C LYS A 577 -6.36 -7.25 -18.58
N ASN A 578 -7.54 -6.69 -18.34
CA ASN A 578 -7.78 -5.28 -18.64
C ASN A 578 -8.97 -4.79 -17.81
N MET A 579 -9.20 -3.48 -17.87
CA MET A 579 -10.31 -2.86 -17.17
C MET A 579 -11.64 -3.33 -17.75
N ASP A 580 -12.63 -3.46 -16.87
CA ASP A 580 -13.99 -3.82 -17.28
C ASP A 580 -14.98 -3.17 -16.33
N VAL A 581 -15.93 -2.43 -16.88
CA VAL A 581 -16.90 -1.69 -16.07
C VAL A 581 -18.20 -2.45 -15.86
N ARG A 582 -18.41 -3.55 -16.57
CA ARG A 582 -19.60 -4.37 -16.32
C ARG A 582 -19.76 -4.79 -14.87
N PRO A 583 -18.69 -5.18 -14.14
CA PRO A 583 -18.86 -5.37 -12.69
C PRO A 583 -19.37 -4.14 -11.97
N LEU A 584 -18.92 -2.94 -12.37
CA LEU A 584 -19.44 -1.72 -11.77
C LEU A 584 -20.91 -1.52 -12.11
N LEU A 585 -21.29 -1.73 -13.37
CA LEU A 585 -22.68 -1.59 -13.76
C LEU A 585 -23.54 -2.68 -13.13
N ASN A 586 -22.99 -3.89 -13.00
CA ASN A 586 -23.69 -4.96 -12.29
C ASN A 586 -23.96 -4.56 -10.84
N TYR A 587 -22.99 -3.88 -10.21
CA TYR A 587 -23.17 -3.44 -8.83
C TYR A 587 -24.33 -2.47 -8.71
N PHE A 588 -24.49 -1.57 -9.68
CA PHE A 588 -25.51 -0.53 -9.64
C PHE A 588 -26.73 -0.86 -10.47
N GLU A 589 -26.90 -2.13 -10.87
CA GLU A 589 -28.03 -2.49 -11.71
C GLU A 589 -29.38 -2.23 -11.04
N PRO A 590 -29.61 -2.58 -9.77
CA PRO A 590 -30.89 -2.22 -9.15
C PRO A 590 -31.17 -0.72 -9.16
N LEU A 591 -30.14 0.10 -8.98
CA LEU A 591 -30.33 1.55 -9.06
C LEU A 591 -30.56 2.00 -10.49
N PHE A 592 -29.94 1.33 -11.47
CA PHE A 592 -30.11 1.73 -12.86
C PHE A 592 -31.56 1.60 -13.31
N THR A 593 -32.20 0.48 -12.98
CA THR A 593 -33.60 0.29 -13.35
C THR A 593 -34.51 1.24 -12.58
N TRP A 594 -34.19 1.49 -11.30
CA TRP A 594 -34.98 2.44 -10.52
C TRP A 594 -34.87 3.85 -11.08
N LEU A 595 -33.66 4.26 -11.47
CA LEU A 595 -33.47 5.58 -12.04
C LEU A 595 -34.20 5.72 -13.37
N LYS A 596 -34.19 4.66 -14.18
CA LYS A 596 -34.87 4.72 -15.48
C LYS A 596 -36.37 4.90 -15.31
N ASP A 597 -36.96 4.22 -14.33
CA ASP A 597 -38.38 4.42 -14.04
C ASP A 597 -38.65 5.83 -13.51
N GLN A 598 -37.77 6.34 -12.66
CA GLN A 598 -37.98 7.67 -12.09
C GLN A 598 -37.82 8.76 -13.14
N ASN A 599 -37.04 8.51 -14.18
CA ASN A 599 -36.73 9.52 -15.18
C ASN A 599 -37.52 9.35 -16.48
N LYS A 600 -38.54 8.49 -16.49
CA LYS A 600 -39.30 8.27 -17.70
C LYS A 600 -40.11 9.48 -18.13
N ASN A 601 -40.26 10.48 -17.25
CA ASN A 601 -40.89 11.75 -17.60
C ASN A 601 -39.94 12.92 -17.42
N SER A 602 -38.64 12.66 -17.40
CA SER A 602 -37.62 13.69 -17.26
C SER A 602 -36.64 13.58 -18.42
N PHE A 603 -36.08 14.72 -18.82
CA PHE A 603 -35.07 14.72 -19.86
C PHE A 603 -33.81 14.04 -19.37
N VAL A 604 -33.36 13.03 -20.11
CA VAL A 604 -32.15 12.28 -19.78
C VAL A 604 -31.07 12.71 -20.78
N GLY A 605 -30.01 13.33 -20.26
CA GLY A 605 -29.03 14.02 -21.07
C GLY A 605 -29.02 15.50 -20.76
N TRP A 606 -28.21 16.22 -21.53
CA TRP A 606 -28.07 17.65 -21.31
C TRP A 606 -27.66 18.34 -22.60
N SER A 607 -28.11 19.59 -22.75
CA SER A 607 -27.71 20.44 -23.86
C SER A 607 -26.63 21.40 -23.38
N THR A 608 -25.53 21.46 -24.12
CA THR A 608 -24.38 22.26 -23.71
C THR A 608 -24.52 23.74 -24.05
N ASN A 609 -25.67 24.15 -24.59
CA ASN A 609 -25.86 25.55 -24.98
C ASN A 609 -26.32 26.42 -23.82
N TRP A 610 -27.16 25.89 -22.94
CA TRP A 610 -27.71 26.70 -21.85
C TRP A 610 -26.65 27.05 -20.83
N SER A 611 -26.73 28.26 -20.31
CA SER A 611 -25.90 28.73 -19.21
C SER A 611 -26.78 29.43 -18.19
N PRO A 612 -26.38 29.40 -16.91
CA PRO A 612 -27.09 30.23 -15.91
C PRO A 612 -26.99 31.71 -16.21
N TYR A 613 -25.97 32.14 -16.97
CA TYR A 613 -25.80 33.52 -17.38
C TYR A 613 -26.19 33.75 -18.83
N ALA A 614 -26.97 32.84 -19.42
CA ALA A 614 -27.35 32.97 -20.83
C ALA A 614 -28.17 34.23 -21.06
N THR B 15 28.68 -38.06 40.08
CA THR B 15 27.63 -37.40 39.32
C THR B 15 28.15 -36.10 38.71
N ASN B 16 28.83 -36.22 37.58
CA ASN B 16 29.48 -35.07 36.96
C ASN B 16 28.54 -34.47 35.92
N LEU B 17 27.98 -33.30 36.23
CA LEU B 17 26.99 -32.66 35.38
C LEU B 17 27.69 -31.99 34.19
N CYS B 18 27.17 -32.25 32.99
CA CYS B 18 27.75 -31.68 31.77
C CYS B 18 27.46 -30.18 31.71
N PRO B 19 28.41 -29.38 31.23
CA PRO B 19 28.23 -27.91 31.29
C PRO B 19 27.26 -27.38 30.24
N PHE B 20 25.97 -27.65 30.45
CA PHE B 20 24.95 -27.10 29.57
C PHE B 20 24.56 -25.67 29.92
N ASP B 21 24.79 -25.25 31.17
CA ASP B 21 24.58 -23.85 31.52
C ASP B 21 25.52 -22.93 30.75
N GLU B 22 26.74 -23.41 30.45
CA GLU B 22 27.66 -22.62 29.64
C GLU B 22 27.11 -22.38 28.25
N VAL B 23 26.51 -23.39 27.64
CA VAL B 23 26.11 -23.32 26.23
C VAL B 23 24.81 -22.57 26.08
N PHE B 24 23.75 -23.04 26.74
CA PHE B 24 22.42 -22.48 26.50
C PHE B 24 22.26 -21.11 27.14
N ASN B 25 22.73 -20.94 28.38
CA ASN B 25 22.55 -19.70 29.12
C ASN B 25 23.78 -18.80 29.04
N ALA B 26 24.51 -18.85 27.95
CA ALA B 26 25.64 -17.96 27.75
C ALA B 26 25.18 -16.52 27.61
N THR B 27 26.03 -15.59 28.04
CA THR B 27 25.71 -14.17 27.92
C THR B 27 25.53 -13.77 26.46
N ARG B 28 26.43 -14.22 25.59
CA ARG B 28 26.39 -13.87 24.19
C ARG B 28 26.76 -15.09 23.35
N PHE B 29 26.09 -15.24 22.21
CA PHE B 29 26.34 -16.33 21.29
C PHE B 29 27.25 -15.87 20.16
N ALA B 30 27.70 -16.83 19.36
CA ALA B 30 28.61 -16.56 18.26
C ALA B 30 27.82 -16.20 17.00
N SER B 31 28.47 -15.46 16.11
CA SER B 31 27.94 -15.25 14.77
C SER B 31 27.92 -16.58 14.03
N VAL B 32 26.91 -16.76 13.17
CA VAL B 32 26.69 -18.06 12.54
C VAL B 32 27.86 -18.44 11.65
N TYR B 33 28.48 -17.47 10.97
CA TYR B 33 29.66 -17.77 10.17
C TYR B 33 30.82 -18.26 11.02
N ALA B 34 30.90 -17.79 12.26
CA ALA B 34 31.94 -18.17 13.21
C ALA B 34 31.37 -19.01 14.35
N TRP B 35 30.47 -19.94 14.01
CA TRP B 35 29.72 -20.69 15.01
C TRP B 35 30.64 -21.37 16.01
N ASN B 36 30.11 -21.58 17.21
CA ASN B 36 30.88 -22.01 18.37
C ASN B 36 30.54 -23.45 18.72
N ARG B 37 31.56 -24.28 18.86
CA ARG B 37 31.41 -25.69 19.21
C ARG B 37 31.99 -25.94 20.59
N LYS B 38 31.22 -26.59 21.45
CA LYS B 38 31.63 -26.90 22.82
C LYS B 38 31.66 -28.41 23.00
N ARG B 39 32.86 -28.97 23.08
CA ARG B 39 33.01 -30.40 23.30
C ARG B 39 32.56 -30.79 24.70
N ILE B 40 31.83 -31.90 24.79
CA ILE B 40 31.29 -32.40 26.05
C ILE B 40 31.65 -33.87 26.19
N SER B 41 32.28 -34.23 27.31
CA SER B 41 32.66 -35.61 27.53
C SER B 41 32.83 -35.88 29.02
N ASN B 42 32.80 -37.17 29.36
CA ASN B 42 33.08 -37.65 30.72
C ASN B 42 32.18 -36.97 31.76
N CYS B 43 30.87 -37.01 31.54
CA CYS B 43 29.97 -36.29 32.42
C CYS B 43 28.59 -36.94 32.37
N VAL B 44 27.66 -36.42 33.19
CA VAL B 44 26.28 -36.89 33.27
C VAL B 44 25.41 -35.84 32.60
N ALA B 45 24.75 -36.23 31.50
CA ALA B 45 23.99 -35.29 30.68
C ALA B 45 22.53 -35.31 31.12
N ASP B 46 22.09 -34.22 31.75
CA ASP B 46 20.70 -34.05 32.16
C ASP B 46 20.03 -33.14 31.15
N TYR B 47 19.26 -33.73 30.25
CA TYR B 47 18.61 -33.01 29.16
C TYR B 47 17.26 -32.42 29.55
N SER B 48 16.86 -32.51 30.81
CA SER B 48 15.52 -32.12 31.20
C SER B 48 15.40 -30.69 31.70
N VAL B 49 16.51 -29.93 31.76
CA VAL B 49 16.46 -28.59 32.34
C VAL B 49 15.92 -27.53 31.38
N LEU B 50 15.76 -27.85 30.10
CA LEU B 50 15.38 -26.89 29.07
C LEU B 50 13.86 -26.72 29.07
N TYR B 51 13.37 -25.79 29.90
CA TYR B 51 11.93 -25.63 29.99
C TYR B 51 11.32 -25.11 28.69
N ASN B 52 11.44 -23.80 28.45
CA ASN B 52 11.26 -23.23 27.13
C ASN B 52 12.27 -22.10 26.91
N LEU B 53 12.43 -21.26 27.94
CA LEU B 53 13.24 -20.04 27.93
C LEU B 53 12.91 -19.12 26.75
N ALA B 54 11.75 -19.31 26.13
CA ALA B 54 11.24 -18.47 25.04
C ALA B 54 9.82 -18.89 24.67
N PRO B 55 8.96 -17.94 24.28
CA PRO B 55 7.60 -18.33 23.86
C PRO B 55 7.60 -19.15 22.58
N PHE B 56 8.29 -18.67 21.55
CA PHE B 56 8.44 -19.40 20.30
C PHE B 56 9.75 -20.17 20.35
N PHE B 57 9.65 -21.49 20.30
CA PHE B 57 10.76 -22.36 20.67
C PHE B 57 10.68 -23.65 19.89
N THR B 58 11.84 -24.18 19.49
CA THR B 58 11.94 -25.29 18.56
C THR B 58 12.87 -26.36 19.11
N PHE B 59 12.47 -27.63 18.94
CA PHE B 59 13.27 -28.78 19.38
C PHE B 59 13.04 -29.90 18.37
N LYS B 60 13.96 -30.03 17.41
CA LYS B 60 13.85 -31.03 16.34
C LYS B 60 15.03 -31.99 16.42
N CYS B 61 14.75 -33.29 16.41
CA CYS B 61 15.76 -34.32 16.51
C CYS B 61 15.73 -35.22 15.28
N TYR B 62 16.90 -35.71 14.89
CA TYR B 62 17.05 -36.58 13.73
C TYR B 62 17.88 -37.79 14.12
N GLY B 63 17.39 -38.99 13.79
CA GLY B 63 18.09 -40.22 14.08
C GLY B 63 18.02 -40.69 15.51
N VAL B 64 17.76 -39.80 16.46
CA VAL B 64 17.67 -40.15 17.87
C VAL B 64 16.37 -39.58 18.43
N SER B 65 15.92 -40.19 19.53
CA SER B 65 14.65 -39.80 20.14
C SER B 65 14.92 -38.96 21.38
N PRO B 66 14.52 -37.68 21.40
CA PRO B 66 14.72 -36.87 22.60
C PRO B 66 13.99 -37.41 23.82
N THR B 67 12.83 -38.03 23.64
CA THR B 67 12.19 -38.74 24.73
C THR B 67 12.94 -40.04 24.97
N LYS B 68 13.42 -40.22 26.21
CA LYS B 68 14.40 -41.25 26.57
C LYS B 68 15.78 -40.92 26.00
N LEU B 69 16.08 -39.64 25.79
CA LEU B 69 17.44 -39.25 25.42
C LEU B 69 18.37 -39.32 26.62
N ASN B 70 17.93 -38.90 27.80
CA ASN B 70 18.78 -39.08 28.98
C ASN B 70 18.68 -40.51 29.53
N ASP B 71 18.86 -41.47 28.64
CA ASP B 71 19.00 -42.89 28.96
C ASP B 71 20.11 -43.54 28.16
N LEU B 72 20.57 -42.91 27.09
CA LEU B 72 21.57 -43.47 26.19
C LEU B 72 22.95 -43.00 26.60
N CYS B 73 23.96 -43.54 25.90
CA CYS B 73 25.35 -43.14 26.12
C CYS B 73 26.01 -42.88 24.78
N PHE B 74 26.88 -41.87 24.75
CA PHE B 74 27.64 -41.52 23.56
C PHE B 74 29.07 -41.22 23.95
N THR B 75 29.99 -41.39 23.00
CA THR B 75 31.40 -41.13 23.26
C THR B 75 31.64 -39.64 23.45
N ASN B 76 31.33 -38.83 22.43
CA ASN B 76 31.43 -37.38 22.52
C ASN B 76 30.12 -36.76 22.06
N VAL B 77 29.81 -35.60 22.64
CA VAL B 77 28.61 -34.85 22.29
C VAL B 77 29.05 -33.41 22.03
N TYR B 78 28.98 -32.98 20.77
CA TYR B 78 29.37 -31.64 20.38
C TYR B 78 28.15 -30.74 20.33
N ALA B 79 28.27 -29.55 20.90
CA ALA B 79 27.18 -28.57 20.95
C ALA B 79 27.60 -27.34 20.16
N ASP B 80 26.93 -27.10 19.04
CA ASP B 80 27.19 -25.94 18.20
C ASP B 80 26.14 -24.86 18.49
N SER B 81 26.59 -23.62 18.65
CA SER B 81 25.72 -22.53 19.03
C SER B 81 26.01 -21.30 18.16
N PHE B 82 24.95 -20.58 17.80
CA PHE B 82 25.05 -19.36 17.02
C PHE B 82 23.69 -18.66 17.06
N VAL B 83 23.58 -17.56 16.32
CA VAL B 83 22.35 -16.77 16.25
C VAL B 83 22.03 -16.50 14.80
N ILE B 84 20.79 -16.79 14.40
CA ILE B 84 20.29 -16.53 13.06
C ILE B 84 18.91 -15.88 13.17
N ARG B 85 18.33 -15.56 12.02
CA ARG B 85 16.99 -15.01 11.98
C ARG B 85 15.95 -16.12 12.15
N GLY B 86 14.71 -15.71 12.41
CA GLY B 86 13.66 -16.66 12.67
C GLY B 86 13.32 -17.54 11.48
N ASP B 87 13.40 -17.00 10.27
CA ASP B 87 13.07 -17.75 9.06
C ASP B 87 14.27 -18.48 8.47
N GLU B 88 15.45 -18.38 9.10
CA GLU B 88 16.60 -19.19 8.72
C GLU B 88 16.77 -20.40 9.62
N VAL B 89 15.89 -20.58 10.61
CA VAL B 89 15.99 -21.72 11.52
C VAL B 89 15.70 -23.02 10.79
N ARG B 90 14.82 -22.98 9.77
CA ARG B 90 14.54 -24.17 8.98
C ARG B 90 15.75 -24.64 8.19
N GLN B 91 16.75 -23.78 7.98
CA GLN B 91 17.96 -24.18 7.27
C GLN B 91 18.91 -24.99 8.14
N ILE B 92 18.74 -24.97 9.45
CA ILE B 92 19.56 -25.79 10.35
C ILE B 92 18.84 -27.13 10.46
N ALA B 93 19.05 -27.98 9.46
CA ALA B 93 18.39 -29.25 9.31
C ALA B 93 19.01 -30.00 8.14
N PRO B 94 18.96 -31.34 8.12
CA PRO B 94 19.52 -32.08 6.99
C PRO B 94 18.79 -31.77 5.69
N GLY B 95 19.55 -31.74 4.60
CA GLY B 95 18.97 -31.54 3.28
C GLY B 95 18.29 -30.20 3.08
N GLN B 96 18.91 -29.12 3.57
CA GLN B 96 18.37 -27.78 3.44
C GLN B 96 19.31 -26.91 2.63
N THR B 97 18.73 -25.93 1.94
CA THR B 97 19.48 -24.98 1.13
C THR B 97 19.12 -23.56 1.54
N GLY B 98 20.00 -22.63 1.20
CA GLY B 98 19.88 -21.25 1.61
C GLY B 98 21.19 -20.70 2.14
N ASN B 99 21.19 -19.38 2.37
CA ASN B 99 22.42 -18.68 2.73
C ASN B 99 23.06 -19.28 3.98
N ILE B 100 22.26 -19.55 5.00
CA ILE B 100 22.80 -20.09 6.24
C ILE B 100 23.29 -21.52 6.04
N ALA B 101 22.49 -22.34 5.36
CA ALA B 101 22.91 -23.72 5.11
C ALA B 101 24.08 -23.78 4.13
N ASP B 102 24.04 -22.97 3.07
CA ASP B 102 25.05 -23.07 2.03
C ASP B 102 26.40 -22.50 2.49
N TYR B 103 26.38 -21.36 3.19
CA TYR B 103 27.58 -20.59 3.43
C TYR B 103 28.00 -20.47 4.89
N ASN B 104 27.13 -20.80 5.84
CA ASN B 104 27.41 -20.52 7.24
C ASN B 104 27.48 -21.77 8.10
N TYR B 105 26.49 -22.66 8.02
CA TYR B 105 26.47 -23.86 8.85
C TYR B 105 25.64 -24.92 8.15
N LYS B 106 26.27 -26.02 7.77
CA LYS B 106 25.64 -27.09 7.00
C LYS B 106 25.64 -28.38 7.80
N LEU B 107 24.47 -28.98 7.95
CA LEU B 107 24.28 -30.29 8.57
C LEU B 107 24.24 -31.37 7.48
N PRO B 108 24.79 -32.55 7.76
CA PRO B 108 24.82 -33.61 6.75
C PRO B 108 23.44 -34.24 6.55
N ASP B 109 23.33 -34.98 5.44
CA ASP B 109 22.06 -35.63 5.12
C ASP B 109 21.69 -36.69 6.17
N ASP B 110 22.68 -37.44 6.63
CA ASP B 110 22.47 -38.48 7.64
C ASP B 110 22.78 -37.98 9.05
N PHE B 111 22.51 -36.70 9.32
CA PHE B 111 22.82 -36.10 10.60
C PHE B 111 22.05 -36.80 11.72
N THR B 112 22.76 -37.08 12.81
CA THR B 112 22.17 -37.67 14.01
C THR B 112 22.32 -36.68 15.16
N GLY B 113 21.22 -36.23 15.71
CA GLY B 113 21.25 -35.27 16.79
C GLY B 113 19.97 -34.45 16.82
N CYS B 114 20.04 -33.35 17.56
CA CYS B 114 18.89 -32.48 17.77
C CYS B 114 19.28 -31.03 17.50
N VAL B 115 18.29 -30.26 17.06
CA VAL B 115 18.45 -28.82 16.81
C VAL B 115 17.48 -28.09 17.72
N ILE B 116 18.00 -27.19 18.55
CA ILE B 116 17.21 -26.45 19.53
C ILE B 116 17.30 -24.97 19.19
N ALA B 117 16.15 -24.35 18.92
CA ALA B 117 16.08 -22.94 18.58
C ALA B 117 15.00 -22.27 19.40
N TRP B 118 15.25 -21.02 19.80
CA TRP B 118 14.29 -20.27 20.60
C TRP B 118 14.49 -18.78 20.35
N ASN B 119 13.40 -18.03 20.49
CA ASN B 119 13.44 -16.59 20.25
C ASN B 119 14.30 -15.90 21.29
N SER B 120 15.09 -14.92 20.83
CA SER B 120 15.99 -14.17 21.70
C SER B 120 15.85 -12.67 21.43
N ASN B 121 14.62 -12.22 21.18
CA ASN B 121 14.39 -10.80 20.89
C ASN B 121 14.74 -9.93 22.08
N LYS B 122 14.42 -10.39 23.29
CA LYS B 122 14.69 -9.57 24.48
C LYS B 122 16.18 -9.45 24.76
N LEU B 123 16.96 -10.47 24.43
CA LEU B 123 18.39 -10.48 24.75
C LEU B 123 19.27 -9.95 23.63
N ASP B 124 18.87 -10.14 22.37
CA ASP B 124 19.75 -9.84 21.24
C ASP B 124 19.30 -8.66 20.40
N SER B 125 18.10 -8.14 20.61
CA SER B 125 17.62 -6.98 19.86
C SER B 125 17.84 -5.70 20.68
N LYS B 126 18.22 -4.64 19.99
CA LYS B 126 18.42 -3.32 20.60
C LYS B 126 17.72 -2.27 19.76
N VAL B 127 17.23 -1.22 20.43
CA VAL B 127 16.45 -0.20 19.75
C VAL B 127 17.29 0.50 18.68
N SER B 128 18.54 0.81 19.00
CA SER B 128 19.45 1.42 18.03
C SER B 128 20.01 0.41 17.03
N GLY B 129 19.53 -0.83 17.05
CA GLY B 129 20.02 -1.85 16.15
C GLY B 129 21.21 -2.60 16.72
N ASN B 130 21.18 -3.93 16.63
CA ASN B 130 22.26 -4.78 17.11
C ASN B 130 22.96 -5.35 15.88
N TYR B 131 24.14 -4.83 15.57
CA TYR B 131 24.91 -5.25 14.40
C TYR B 131 26.05 -6.20 14.75
N ASN B 132 26.05 -6.74 15.98
CA ASN B 132 27.16 -7.59 16.41
C ASN B 132 27.13 -8.96 15.74
N TYR B 133 25.94 -9.49 15.47
CA TYR B 133 25.83 -10.81 14.86
C TYR B 133 25.98 -10.70 13.35
N LEU B 134 26.85 -11.55 12.79
CA LEU B 134 27.19 -11.51 11.38
C LEU B 134 26.90 -12.85 10.70
N TYR B 135 26.85 -12.81 9.38
CA TYR B 135 26.65 -14.00 8.57
C TYR B 135 27.36 -13.82 7.24
N ARG B 136 27.69 -14.94 6.60
CA ARG B 136 28.34 -14.91 5.29
C ARG B 136 27.29 -14.86 4.19
N LEU B 137 27.42 -13.88 3.30
CA LEU B 137 26.47 -13.69 2.22
C LEU B 137 26.96 -14.20 0.88
N PHE B 138 28.27 -14.25 0.66
CA PHE B 138 28.85 -14.75 -0.59
C PHE B 138 29.92 -15.78 -0.29
N ARG B 139 29.93 -16.86 -1.06
CA ARG B 139 31.00 -17.84 -1.02
C ARG B 139 31.04 -18.57 -2.36
N LYS B 140 32.24 -18.92 -2.80
CA LYS B 140 32.39 -19.54 -4.11
C LYS B 140 31.67 -20.88 -4.19
N SER B 141 31.61 -21.62 -3.09
CA SER B 141 30.97 -22.93 -3.09
C SER B 141 30.33 -23.18 -1.73
N ASN B 142 29.43 -24.15 -1.70
CA ASN B 142 28.77 -24.52 -0.45
C ASN B 142 29.76 -25.13 0.53
N LEU B 143 29.42 -25.04 1.81
CA LEU B 143 30.22 -25.69 2.85
C LEU B 143 29.98 -27.19 2.84
N LYS B 144 31.05 -27.95 3.10
CA LYS B 144 30.89 -29.34 3.45
C LYS B 144 30.24 -29.43 4.83
N PRO B 145 29.60 -30.55 5.15
CA PRO B 145 28.93 -30.65 6.46
C PRO B 145 29.89 -30.39 7.61
N PHE B 146 29.42 -29.58 8.57
CA PHE B 146 30.16 -29.22 9.78
C PHE B 146 31.43 -28.41 9.47
N GLU B 147 31.52 -27.81 8.28
CA GLU B 147 32.66 -26.95 7.97
C GLU B 147 32.44 -25.57 8.57
N ARG B 148 33.56 -24.91 8.88
CA ARG B 148 33.53 -23.56 9.47
C ARG B 148 34.48 -22.67 8.69
N ASP B 149 33.92 -21.65 8.02
CA ASP B 149 34.70 -20.72 7.21
C ASP B 149 34.65 -19.35 7.87
N ILE B 150 35.80 -18.89 8.38
CA ILE B 150 35.90 -17.58 8.99
C ILE B 150 36.80 -16.70 8.13
N SER B 151 36.87 -17.01 6.83
CA SER B 151 37.67 -16.21 5.91
C SER B 151 37.06 -14.83 5.73
N THR B 152 37.93 -13.84 5.52
CA THR B 152 37.52 -12.46 5.28
C THR B 152 38.02 -11.96 3.92
N GLU B 153 38.31 -12.86 2.99
CA GLU B 153 38.83 -12.46 1.70
C GLU B 153 37.73 -11.85 0.85
N ILE B 154 38.10 -10.84 0.05
CA ILE B 154 37.11 -10.14 -0.78
C ILE B 154 36.55 -11.10 -1.81
N TYR B 155 35.23 -11.07 -1.98
CA TYR B 155 34.53 -11.97 -2.88
C TYR B 155 34.55 -11.39 -4.29
N GLN B 156 35.17 -12.12 -5.22
CA GLN B 156 35.28 -11.69 -6.61
C GLN B 156 34.07 -12.20 -7.37
N ALA B 157 33.12 -11.31 -7.65
CA ALA B 157 31.96 -11.70 -8.45
C ALA B 157 32.28 -11.64 -9.95
N GLY B 158 33.02 -10.63 -10.38
CA GLY B 158 33.38 -10.47 -11.77
C GLY B 158 34.60 -11.28 -12.14
N ASN B 159 35.26 -10.87 -13.21
CA ASN B 159 36.48 -11.53 -13.67
C ASN B 159 37.73 -10.69 -13.48
N LYS B 160 37.60 -9.38 -13.27
CA LYS B 160 38.74 -8.58 -12.86
C LYS B 160 39.06 -8.91 -11.42
N PRO B 161 40.29 -9.32 -11.10
CA PRO B 161 40.62 -9.63 -9.71
C PRO B 161 40.39 -8.43 -8.79
N CYS B 162 39.94 -8.73 -7.58
CA CYS B 162 39.32 -7.76 -6.69
C CYS B 162 40.31 -6.94 -5.88
N ASN B 163 41.60 -7.21 -6.00
CA ASN B 163 42.69 -6.32 -5.57
C ASN B 163 42.87 -6.22 -4.05
N GLY B 164 41.92 -6.74 -3.27
CA GLY B 164 41.94 -6.63 -1.83
C GLY B 164 40.91 -5.68 -1.25
N VAL B 165 40.41 -4.74 -2.06
CA VAL B 165 39.31 -3.88 -1.65
C VAL B 165 38.71 -3.16 -2.87
N ALA B 166 38.97 -1.85 -3.02
CA ALA B 166 38.23 -1.03 -3.97
C ALA B 166 38.35 -1.57 -5.39
N GLY B 167 37.21 -1.64 -6.08
CA GLY B 167 37.11 -2.21 -7.40
C GLY B 167 35.69 -2.68 -7.64
N PHE B 168 35.23 -2.68 -8.89
CA PHE B 168 33.84 -2.99 -9.15
C PHE B 168 33.60 -4.50 -9.13
N ASN B 169 32.37 -4.88 -8.77
CA ASN B 169 31.94 -6.27 -8.64
C ASN B 169 32.73 -7.01 -7.58
N CYS B 170 33.13 -6.29 -6.54
CA CYS B 170 33.78 -6.86 -5.37
C CYS B 170 32.93 -6.65 -4.13
N TYR B 171 32.97 -7.62 -3.22
CA TYR B 171 32.13 -7.57 -2.04
C TYR B 171 32.84 -8.20 -0.86
N PHE B 172 32.71 -7.56 0.29
CA PHE B 172 33.13 -8.19 1.54
C PHE B 172 32.18 -9.35 1.84
N PRO B 173 32.70 -10.55 2.11
CA PRO B 173 31.83 -11.74 2.16
C PRO B 173 30.89 -11.78 3.35
N LEU B 174 31.10 -10.97 4.37
CA LEU B 174 30.30 -11.02 5.59
C LEU B 174 29.38 -9.81 5.68
N ARG B 175 28.14 -10.05 6.10
CA ARG B 175 27.15 -9.00 6.32
C ARG B 175 26.77 -8.97 7.80
N SER B 176 25.94 -8.00 8.16
CA SER B 176 25.53 -7.78 9.54
C SER B 176 24.04 -8.05 9.69
N TYR B 177 23.69 -8.88 10.65
CA TYR B 177 22.30 -9.02 11.09
C TYR B 177 21.94 -7.79 11.91
N SER B 178 21.12 -6.90 11.36
CA SER B 178 20.55 -5.84 12.18
C SER B 178 19.34 -6.40 12.93
N PHE B 179 19.31 -6.18 14.24
CA PHE B 179 18.28 -6.74 15.11
C PHE B 179 17.64 -5.62 15.92
N ARG B 180 16.44 -5.19 15.51
CA ARG B 180 15.70 -4.24 16.31
C ARG B 180 14.45 -4.90 16.89
N PRO B 181 14.06 -4.54 18.11
CA PRO B 181 12.99 -5.30 18.79
C PRO B 181 11.64 -5.23 18.09
N THR B 182 11.39 -4.22 17.26
CA THR B 182 10.10 -4.09 16.58
C THR B 182 10.02 -4.94 15.31
N TYR B 183 11.07 -5.69 14.99
CA TYR B 183 11.05 -6.54 13.81
C TYR B 183 9.99 -7.62 13.93
N GLY B 184 9.54 -8.11 12.77
CA GLY B 184 8.67 -9.27 12.77
C GLY B 184 9.40 -10.51 13.25
N VAL B 185 8.61 -11.54 13.58
CA VAL B 185 9.17 -12.76 14.15
C VAL B 185 10.19 -13.38 13.20
N GLY B 186 9.91 -13.35 11.90
CA GLY B 186 10.84 -13.90 10.94
C GLY B 186 12.17 -13.18 10.88
N HIS B 187 12.18 -11.90 11.26
CA HIS B 187 13.40 -11.11 11.27
C HIS B 187 14.02 -11.00 12.66
N GLN B 188 13.42 -11.61 13.68
CA GLN B 188 13.92 -11.51 15.04
C GLN B 188 15.05 -12.51 15.28
N PRO B 189 15.94 -12.21 16.23
CA PRO B 189 17.05 -13.14 16.50
C PRO B 189 16.57 -14.40 17.20
N TYR B 190 17.07 -15.54 16.74
CA TYR B 190 16.81 -16.84 17.36
C TYR B 190 18.15 -17.49 17.70
N ARG B 191 18.27 -17.98 18.94
CA ARG B 191 19.47 -18.66 19.37
C ARG B 191 19.34 -20.15 19.09
N VAL B 192 20.37 -20.73 18.50
CA VAL B 192 20.35 -22.11 18.01
C VAL B 192 21.43 -22.90 18.73
N VAL B 193 21.07 -24.09 19.22
CA VAL B 193 22.03 -25.04 19.77
C VAL B 193 21.85 -26.36 19.04
N VAL B 194 22.91 -26.85 18.42
CA VAL B 194 22.90 -28.10 17.67
C VAL B 194 23.70 -29.13 18.46
N LEU B 195 23.02 -30.20 18.87
CA LEU B 195 23.65 -31.26 19.67
C LEU B 195 23.97 -32.42 18.74
N SER B 196 25.25 -32.60 18.43
CA SER B 196 25.71 -33.73 17.64
C SER B 196 26.08 -34.89 18.56
N PHE B 197 25.49 -36.05 18.32
CA PHE B 197 25.75 -37.23 19.13
C PHE B 197 26.67 -38.17 18.36
N GLU B 198 27.80 -38.52 18.96
CA GLU B 198 28.83 -39.34 18.34
C GLU B 198 28.91 -40.68 19.05
N LEU B 199 28.86 -41.76 18.28
CA LEU B 199 28.89 -43.12 18.82
C LEU B 199 29.87 -43.96 18.01
N LEU B 200 31.09 -44.12 18.54
CA LEU B 200 32.02 -45.15 18.10
C LEU B 200 31.94 -46.39 18.99
N HIS B 201 30.75 -46.65 19.52
CA HIS B 201 30.50 -47.61 20.60
C HIS B 201 31.58 -47.55 21.69
N ALA B 202 32.34 -48.64 21.81
CA ALA B 202 33.29 -48.97 22.87
C ALA B 202 32.99 -48.20 24.18
N PRO B 203 33.70 -47.09 24.56
CA PRO B 203 33.52 -46.61 25.94
C PRO B 203 32.16 -45.96 26.21
N ALA B 204 31.79 -44.96 25.39
CA ALA B 204 30.55 -44.20 25.56
C ALA B 204 30.51 -43.51 26.93
N THR B 205 31.43 -42.56 27.09
CA THR B 205 31.67 -41.92 28.39
C THR B 205 30.59 -40.93 28.82
N VAL B 206 29.64 -40.58 27.95
CA VAL B 206 28.61 -39.59 28.26
C VAL B 206 27.27 -40.30 28.28
N CYS B 207 26.71 -40.52 29.48
CA CYS B 207 25.49 -41.30 29.64
C CYS B 207 24.31 -40.47 30.12
N GLY B 208 24.40 -39.87 31.30
CA GLY B 208 23.35 -39.00 31.79
C GLY B 208 22.02 -39.67 32.06
N PRO B 209 21.94 -40.51 33.11
CA PRO B 209 20.65 -41.07 33.52
C PRO B 209 19.63 -40.01 33.91
#